data_4AOJ
#
_entry.id   4AOJ
#
_cell.length_a   130.727
_cell.length_b   158.419
_cell.length_c   152.577
_cell.angle_alpha   90.00
_cell.angle_beta   90.00
_cell.angle_gamma   90.00
#
_symmetry.space_group_name_H-M   'I 2 2 2'
#
loop_
_entity.id
_entity.type
_entity.pdbx_description
1 polymer 'HIGH AFFINITY NERVE GROWTH FACTOR RECEPTOR'
2 non-polymer 5-chloranyl-N2-[(1S)-1-(5-fluoranylpyridin-2-yl)ethyl]-N4-(3-propan-2-yloxy-1H-pyrazol-5-yl)pyrimidine-2,4-diamine
3 non-polymer 'ZINC ION'
4 water water
#
_entity_poly.entity_id   1
_entity_poly.type   'polypeptide(L)'
_entity_poly.pdbx_seq_one_letter_code
;GAMGSGSSLSPTEGKGSGLQGHIIENPQYFSDACVHHIKRRDIVLKWELGEGAFGKVFLAECHNLLPEQDKMLVAVKALK
EASESARQDFQREAELLTMLQHQHIVRFFGVCTEGRPLLMVFEYMRHGDLNRFLRSHGPDAKLLAGGEDVAPGPLGLGQL
LAVASQVAAGMVYLAGLHFVHRDLATRNCLVGQGLVVKIGDFGMSRDIYSTDYYRVGGRTMLPIRWMPPESILYRKFTTE
SDVWSFGVVLWEIFTYGKQPWYQLSNTEAIDCITQGRELERPRACPPEVYAIMRGCWQREPQQRHSIKDVHARLQALAQA
PPVYLDVLG
;
_entity_poly.pdbx_strand_id   A,B,C
#
# COMPACT_ATOMS: atom_id res chain seq x y z
N ALA A 33 8.76 18.34 -9.11
CA ALA A 33 9.94 17.50 -9.46
C ALA A 33 10.26 16.54 -8.29
N CYS A 34 10.49 15.27 -8.64
CA CYS A 34 10.66 14.19 -7.66
C CYS A 34 12.10 14.07 -7.12
N VAL A 35 13.05 13.97 -8.04
CA VAL A 35 14.47 14.11 -7.75
C VAL A 35 14.78 15.60 -7.96
N HIS A 36 15.74 16.18 -7.25
CA HIS A 36 15.89 17.65 -7.41
C HIS A 36 16.51 18.01 -8.75
N HIS A 37 15.90 19.01 -9.40
CA HIS A 37 16.28 19.42 -10.73
C HIS A 37 17.02 20.71 -10.63
N ILE A 38 18.14 20.80 -11.32
CA ILE A 38 18.87 22.05 -11.29
C ILE A 38 18.87 22.58 -12.69
N LYS A 39 18.40 23.81 -12.81
CA LYS A 39 18.28 24.46 -14.12
C LYS A 39 19.65 24.82 -14.61
N ARG A 40 19.94 24.42 -15.85
CA ARG A 40 21.17 24.80 -16.55
C ARG A 40 21.51 26.27 -16.41
N ARG A 41 20.50 27.10 -16.57
CA ARG A 41 20.64 28.54 -16.54
C ARG A 41 21.10 29.05 -15.18
N ASP A 42 21.00 28.21 -14.15
CA ASP A 42 21.51 28.57 -12.82
C ASP A 42 22.96 28.12 -12.57
N ILE A 43 23.54 27.40 -13.52
CA ILE A 43 24.89 26.87 -13.42
C ILE A 43 25.83 27.71 -14.32
N VAL A 44 26.77 28.47 -13.74
CA VAL A 44 27.87 29.01 -14.57
C VAL A 44 29.17 28.25 -14.31
N LEU A 45 29.68 27.62 -15.36
CA LEU A 45 30.92 26.83 -15.29
C LEU A 45 32.14 27.72 -15.06
N LYS A 46 33.07 27.25 -14.20
CA LYS A 46 34.29 28.03 -13.88
C LYS A 46 35.54 27.45 -14.50
N TRP A 47 35.88 26.20 -14.18
CA TRP A 47 36.99 25.49 -14.84
C TRP A 47 36.84 23.99 -14.60
N GLU A 48 37.57 23.17 -15.36
CA GLU A 48 37.57 21.72 -15.16
C GLU A 48 38.29 21.36 -13.86
N LEU A 49 37.73 20.42 -13.12
CA LEU A 49 38.33 19.95 -11.88
C LEU A 49 39.09 18.63 -12.14
N GLY A 50 38.48 17.75 -12.90
CA GLY A 50 39.08 16.49 -13.29
C GLY A 50 38.30 15.72 -14.34
N GLU A 51 38.79 14.53 -14.65
CA GLU A 51 38.17 13.66 -15.64
C GLU A 51 37.91 12.28 -15.06
N GLY A 52 36.71 11.77 -15.35
CA GLY A 52 36.36 10.37 -15.11
C GLY A 52 36.22 9.64 -16.44
N ALA A 53 35.77 8.38 -16.40
CA ALA A 53 35.45 7.60 -17.61
C ALA A 53 34.19 8.16 -18.27
N PHE A 54 33.22 8.50 -17.40
CA PHE A 54 31.92 9.10 -17.73
C PHE A 54 32.00 10.45 -18.45
N GLY A 55 33.10 11.19 -18.27
CA GLY A 55 33.21 12.53 -18.82
C GLY A 55 34.03 13.52 -18.01
N LYS A 56 33.42 14.63 -17.60
CA LYS A 56 34.16 15.72 -16.95
C LYS A 56 33.51 16.23 -15.68
N VAL A 57 34.32 16.78 -14.76
CA VAL A 57 33.79 17.38 -13.54
C VAL A 57 34.29 18.79 -13.54
N PHE A 58 33.38 19.77 -13.44
CA PHE A 58 33.77 21.17 -13.48
C PHE A 58 33.49 21.79 -12.13
N LEU A 59 34.14 22.92 -11.88
CA LEU A 59 33.76 23.77 -10.76
C LEU A 59 32.72 24.70 -11.34
N ALA A 60 31.61 24.88 -10.64
CA ALA A 60 30.60 25.83 -11.11
C ALA A 60 30.12 26.72 -9.99
N GLU A 61 29.51 27.83 -10.38
CA GLU A 61 28.77 28.69 -9.48
C GLU A 61 27.33 28.31 -9.72
N CYS A 62 26.61 28.00 -8.64
CA CYS A 62 25.20 27.65 -8.73
C CYS A 62 24.35 28.67 -7.98
N HIS A 63 23.49 29.35 -8.72
CA HIS A 63 22.61 30.41 -8.20
C HIS A 63 21.26 29.82 -7.79
N ASN A 64 20.74 30.26 -6.63
CA ASN A 64 19.43 29.80 -6.07
C ASN A 64 19.30 28.28 -5.82
N LEU A 65 20.07 27.78 -4.86
CA LEU A 65 20.10 26.35 -4.54
C LEU A 65 19.86 26.12 -3.04
N LEU A 66 20.51 26.96 -2.24
CA LEU A 66 20.31 27.02 -0.78
C LEU A 66 20.18 28.53 -0.40
N PRO A 67 19.42 28.85 0.67
CA PRO A 67 19.16 30.28 0.97
C PRO A 67 20.36 31.06 1.55
N LYS A 71 24.59 32.62 -4.62
CA LYS A 71 25.68 31.94 -5.33
C LYS A 71 26.47 31.03 -4.37
N MET A 72 26.82 29.84 -4.83
CA MET A 72 27.75 28.94 -4.12
C MET A 72 28.49 28.03 -5.12
N LEU A 73 29.67 27.57 -4.72
CA LEU A 73 30.50 26.68 -5.51
C LEU A 73 30.00 25.24 -5.39
N VAL A 74 29.99 24.54 -6.53
CA VAL A 74 29.53 23.15 -6.66
C VAL A 74 30.37 22.42 -7.69
N ALA A 75 30.42 21.09 -7.61
CA ALA A 75 31.10 20.30 -8.62
C ALA A 75 30.01 19.79 -9.58
N VAL A 76 30.27 19.86 -10.88
CA VAL A 76 29.28 19.44 -11.89
C VAL A 76 29.86 18.31 -12.71
N LYS A 77 29.29 17.13 -12.53
CA LYS A 77 29.64 15.94 -13.29
C LYS A 77 28.82 16.03 -14.60
N ALA A 78 29.50 16.01 -15.74
CA ALA A 78 28.89 16.16 -17.08
C ALA A 78 29.20 14.94 -17.93
N LEU A 79 28.16 14.24 -18.33
CA LEU A 79 28.28 12.98 -19.07
C LEU A 79 28.62 13.22 -20.55
N LYS A 80 29.61 12.48 -21.06
CA LYS A 80 30.00 12.55 -22.51
C LYS A 80 29.16 11.64 -23.47
N GLU A 81 28.95 10.39 -23.05
CA GLU A 81 28.29 9.33 -23.84
C GLU A 81 27.01 9.75 -24.59
N ALA A 82 26.12 10.49 -23.90
CA ALA A 82 24.88 11.01 -24.50
C ALA A 82 23.82 10.00 -25.03
N SER A 83 24.14 8.69 -25.04
CA SER A 83 23.22 7.63 -25.50
C SER A 83 21.95 7.48 -24.64
N GLU A 84 21.17 6.41 -24.86
CA GLU A 84 19.95 6.15 -24.06
C GLU A 84 20.21 5.15 -22.94
N SER A 85 21.08 4.18 -23.21
CA SER A 85 21.53 3.27 -22.18
C SER A 85 22.16 4.08 -21.02
N ALA A 86 23.10 4.96 -21.36
CA ALA A 86 23.82 5.75 -20.36
C ALA A 86 22.92 6.80 -19.67
N ARG A 87 22.00 7.41 -20.42
CA ARG A 87 21.06 8.38 -19.87
C ARG A 87 20.13 7.73 -18.83
N GLN A 88 19.93 6.43 -18.97
CA GLN A 88 19.12 5.69 -18.04
C GLN A 88 19.94 5.56 -16.77
N ASP A 89 21.14 5.00 -16.88
CA ASP A 89 22.01 4.73 -15.73
C ASP A 89 22.27 5.98 -14.92
N PHE A 90 22.37 7.11 -15.61
CA PHE A 90 22.58 8.42 -15.01
C PHE A 90 21.37 8.80 -14.17
N GLN A 91 20.17 8.65 -14.74
CA GLN A 91 18.92 8.94 -14.01
C GLN A 91 18.86 8.04 -12.78
N ARG A 92 19.20 6.76 -12.97
CA ARG A 92 19.09 5.77 -11.91
C ARG A 92 20.04 6.10 -10.78
N GLU A 93 21.23 6.57 -11.12
CA GLU A 93 22.19 6.94 -10.13
C GLU A 93 21.63 8.13 -9.36
N ALA A 94 21.00 9.08 -10.06
CA ALA A 94 20.48 10.27 -9.39
C ALA A 94 19.34 9.88 -8.49
N GLU A 95 18.62 8.85 -8.90
CA GLU A 95 17.48 8.38 -8.14
C GLU A 95 17.90 7.80 -6.79
N LEU A 96 19.01 7.05 -6.77
CA LEU A 96 19.55 6.44 -5.57
C LEU A 96 20.12 7.53 -4.69
N LEU A 97 21.00 8.33 -5.26
CA LEU A 97 21.79 9.34 -4.54
C LEU A 97 20.99 10.43 -3.86
N THR A 98 19.73 10.65 -4.25
CA THR A 98 18.92 11.71 -3.63
C THR A 98 18.46 11.25 -2.27
N MET A 99 18.47 9.92 -2.07
CA MET A 99 17.96 9.30 -0.86
C MET A 99 19.09 9.00 0.14
N LEU A 100 20.31 8.88 -0.37
CA LEU A 100 21.48 8.74 0.48
C LEU A 100 21.79 10.11 1.07
N GLN A 101 22.31 10.13 2.29
CA GLN A 101 22.77 11.36 2.91
C GLN A 101 23.53 10.96 4.16
N HIS A 102 24.80 11.36 4.22
CA HIS A 102 25.71 11.06 5.30
C HIS A 102 26.86 12.05 5.31
N GLN A 103 27.34 12.34 6.51
CA GLN A 103 28.46 13.24 6.69
C GLN A 103 29.69 12.80 5.84
N HIS A 104 29.83 11.50 5.55
CA HIS A 104 31.03 11.00 4.87
C HIS A 104 30.79 10.37 3.48
N ILE A 105 29.65 10.75 2.91
CA ILE A 105 29.33 10.49 1.51
C ILE A 105 29.22 11.91 0.90
N VAL A 106 29.85 12.13 -0.24
CA VAL A 106 29.74 13.45 -0.93
C VAL A 106 28.28 13.89 -1.14
N ARG A 107 28.00 15.14 -0.83
CA ARG A 107 26.62 15.63 -0.91
C ARG A 107 26.16 15.81 -2.36
N PHE A 108 25.10 15.08 -2.71
CA PHE A 108 24.34 15.20 -3.97
C PHE A 108 23.28 16.36 -3.96
N PHE A 109 23.27 17.23 -4.96
CA PHE A 109 22.38 18.40 -4.92
C PHE A 109 21.22 18.30 -5.90
N GLY A 110 21.50 17.71 -7.06
CA GLY A 110 20.46 17.46 -8.06
C GLY A 110 21.00 17.08 -9.42
N VAL A 111 20.10 17.09 -10.40
CA VAL A 111 20.36 16.56 -11.73
C VAL A 111 19.63 17.39 -12.78
N CYS A 112 20.11 17.31 -14.01
CA CYS A 112 19.42 17.80 -15.19
C CYS A 112 19.71 16.83 -16.32
N THR A 113 18.69 16.06 -16.68
CA THR A 113 18.81 15.02 -17.72
C THR A 113 18.14 15.38 -19.04
N GLU A 114 17.40 16.50 -19.06
CA GLU A 114 16.78 16.96 -20.30
C GLU A 114 17.69 18.00 -21.01
N GLY A 115 18.44 17.51 -22.00
CA GLY A 115 19.46 18.39 -22.59
C GLY A 115 20.82 17.75 -22.55
N ARG A 116 21.82 18.43 -23.13
CA ARG A 116 23.17 17.86 -23.21
C ARG A 116 24.19 18.92 -22.88
N PRO A 117 25.28 18.54 -22.14
CA PRO A 117 25.50 17.19 -21.57
C PRO A 117 24.53 16.90 -20.43
N LEU A 118 24.37 15.63 -20.08
CA LEU A 118 23.65 15.27 -18.82
C LEU A 118 24.47 15.76 -17.59
N LEU A 119 23.87 16.54 -16.71
CA LEU A 119 24.53 17.12 -15.52
C LEU A 119 24.08 16.53 -14.17
N MET A 120 25.04 16.29 -13.29
CA MET A 120 24.78 15.88 -11.90
C MET A 120 25.54 16.84 -11.01
N VAL A 121 24.87 17.58 -10.15
CA VAL A 121 25.60 18.51 -9.27
C VAL A 121 25.81 18.06 -7.80
N PHE A 122 27.04 18.23 -7.31
CA PHE A 122 27.44 17.80 -5.96
C PHE A 122 28.14 18.90 -5.22
N GLU A 123 28.39 18.68 -3.93
CA GLU A 123 29.19 19.66 -3.16
C GLU A 123 30.63 19.71 -3.69
N TYR A 124 31.25 20.87 -3.64
CA TYR A 124 32.63 21.01 -4.06
C TYR A 124 33.61 20.58 -2.93
N MET A 125 34.45 19.56 -3.16
CA MET A 125 35.54 19.15 -2.26
C MET A 125 36.81 19.57 -2.94
N ARG A 126 37.41 20.66 -2.44
CA ARG A 126 38.52 21.34 -3.12
C ARG A 126 39.86 20.64 -3.17
N HIS A 127 40.08 19.59 -2.39
CA HIS A 127 41.38 18.91 -2.46
C HIS A 127 41.43 17.65 -3.33
N GLY A 128 40.34 17.41 -4.05
CA GLY A 128 40.30 16.34 -5.02
C GLY A 128 40.31 14.97 -4.41
N ASP A 129 40.78 14.00 -5.19
CA ASP A 129 40.62 12.62 -4.81
C ASP A 129 41.69 12.29 -3.77
N LEU A 130 41.31 11.40 -2.88
CA LEU A 130 42.15 10.98 -1.76
C LEU A 130 43.51 10.34 -2.17
N ASN A 131 43.60 9.68 -3.32
CA ASN A 131 44.83 9.06 -3.77
C ASN A 131 45.87 10.10 -4.21
N ARG A 132 45.43 11.04 -5.02
CA ARG A 132 46.29 12.12 -5.49
C ARG A 132 46.73 12.99 -4.27
N PHE A 133 45.86 13.09 -3.24
CA PHE A 133 46.13 13.83 -2.01
C PHE A 133 47.17 13.15 -1.11
N LEU A 134 46.96 11.88 -0.80
CA LEU A 134 47.96 11.11 -0.08
C LEU A 134 49.36 11.23 -0.74
N ARG A 135 49.44 10.92 -2.03
CA ARG A 135 50.71 10.98 -2.78
C ARG A 135 51.41 12.35 -2.72
N SER A 136 50.66 13.43 -2.58
CA SER A 136 51.25 14.77 -2.57
C SER A 136 51.36 15.39 -1.16
N HIS A 137 51.11 14.56 -0.14
CA HIS A 137 51.16 14.94 1.24
C HIS A 137 51.87 13.84 2.05
N GLY A 138 52.71 13.09 1.35
CA GLY A 138 53.58 12.09 1.99
C GLY A 138 55.04 12.39 1.71
N PRO A 139 55.95 11.47 2.11
CA PRO A 139 57.41 11.66 1.85
C PRO A 139 57.85 11.83 0.36
N ASP A 140 57.15 11.22 -0.62
CA ASP A 140 57.45 11.45 -2.06
C ASP A 140 56.60 12.58 -2.64
N PRO A 152 54.99 21.73 6.14
CA PRO A 152 54.15 20.89 7.03
C PRO A 152 54.60 19.43 7.14
N GLY A 153 55.18 18.91 6.05
CA GLY A 153 55.57 17.51 5.97
C GLY A 153 54.42 16.52 5.83
N PRO A 154 54.74 15.22 5.88
CA PRO A 154 53.72 14.20 5.61
C PRO A 154 52.59 14.22 6.62
N LEU A 155 51.44 13.64 6.26
CA LEU A 155 50.35 13.48 7.20
C LEU A 155 50.86 12.66 8.38
N GLY A 156 50.64 13.15 9.60
CA GLY A 156 51.00 12.37 10.77
C GLY A 156 50.09 11.19 11.01
N LEU A 157 50.47 10.33 11.95
CA LEU A 157 49.71 9.13 12.25
C LEU A 157 48.27 9.46 12.55
N GLY A 158 48.07 10.50 13.35
CA GLY A 158 46.75 10.88 13.81
C GLY A 158 45.90 11.38 12.68
N GLN A 159 46.53 12.09 11.74
CA GLN A 159 45.85 12.56 10.55
C GLN A 159 45.42 11.32 9.68
N LEU A 160 46.35 10.41 9.42
CA LEU A 160 46.07 9.15 8.72
C LEU A 160 44.95 8.34 9.35
N LEU A 161 44.82 8.41 10.66
CA LEU A 161 43.79 7.66 11.36
C LEU A 161 42.43 8.36 11.24
N ALA A 162 42.46 9.69 11.10
CA ALA A 162 41.25 10.50 10.86
C ALA A 162 40.70 10.25 9.43
N VAL A 163 41.61 10.18 8.45
CA VAL A 163 41.27 9.89 7.07
C VAL A 163 40.61 8.48 7.00
N ALA A 164 41.27 7.47 7.57
CA ALA A 164 40.77 6.10 7.66
C ALA A 164 39.41 5.99 8.31
N SER A 165 39.23 6.74 9.40
CA SER A 165 38.01 6.70 10.23
C SER A 165 36.80 7.29 9.46
N GLN A 166 37.05 8.40 8.76
CA GLN A 166 36.06 9.01 7.91
C GLN A 166 35.57 8.10 6.76
N VAL A 167 36.51 7.43 6.07
CA VAL A 167 36.15 6.50 5.02
C VAL A 167 35.33 5.38 5.64
N ALA A 168 35.81 4.82 6.75
CA ALA A 168 35.11 3.71 7.44
C ALA A 168 33.67 4.08 7.81
N ALA A 169 33.50 5.31 8.29
CA ALA A 169 32.20 5.84 8.71
C ALA A 169 31.19 5.82 7.54
N GLY A 170 31.64 6.33 6.39
CA GLY A 170 30.91 6.23 5.12
C GLY A 170 30.50 4.80 4.81
N MET A 171 31.44 3.87 5.01
CA MET A 171 31.20 2.46 4.78
C MET A 171 30.30 1.79 5.80
N VAL A 172 30.17 2.35 7.01
CA VAL A 172 29.17 1.77 7.95
C VAL A 172 27.76 2.14 7.49
N TYR A 173 27.63 3.34 6.93
CA TYR A 173 26.36 3.78 6.39
C TYR A 173 25.88 2.84 5.26
N LEU A 174 26.77 2.60 4.28
CA LEU A 174 26.52 1.68 3.16
C LEU A 174 26.20 0.25 3.59
N ALA A 175 26.98 -0.31 4.51
CA ALA A 175 26.73 -1.67 4.98
C ALA A 175 25.40 -1.80 5.69
N GLY A 176 25.03 -0.75 6.43
CA GLY A 176 23.81 -0.71 7.22
C GLY A 176 22.60 -0.62 6.31
N LEU A 177 22.81 -0.01 5.14
CA LEU A 177 21.84 0.05 4.06
C LEU A 177 21.83 -1.25 3.25
N HIS A 178 22.69 -2.21 3.57
CA HIS A 178 22.87 -3.43 2.76
C HIS A 178 23.25 -3.08 1.30
N PHE A 179 24.04 -2.03 1.11
CA PHE A 179 24.48 -1.60 -0.22
C PHE A 179 25.97 -1.97 -0.38
N VAL A 180 26.28 -2.62 -1.50
CA VAL A 180 27.62 -3.09 -1.79
C VAL A 180 28.27 -2.11 -2.76
N HIS A 181 29.41 -1.56 -2.39
CA HIS A 181 30.05 -0.53 -3.22
C HIS A 181 30.72 -1.15 -4.47
N ARG A 182 31.55 -2.18 -4.24
CA ARG A 182 32.20 -3.02 -5.25
C ARG A 182 33.50 -2.43 -5.77
N ASP A 183 33.71 -1.13 -5.54
CA ASP A 183 34.93 -0.44 -6.00
C ASP A 183 35.46 0.58 -4.96
N LEU A 184 35.56 0.14 -3.70
CA LEU A 184 36.12 1.03 -2.69
C LEU A 184 37.62 1.13 -2.87
N ALA A 185 38.07 2.34 -3.09
CA ALA A 185 39.46 2.65 -3.30
C ALA A 185 39.59 4.15 -3.02
N THR A 186 40.81 4.54 -2.68
CA THR A 186 41.18 5.90 -2.35
C THR A 186 40.95 6.85 -3.58
N ARG A 187 40.94 6.31 -4.80
CA ARG A 187 40.73 7.12 -6.02
C ARG A 187 39.24 7.55 -6.05
N ASN A 188 38.41 6.82 -5.29
CA ASN A 188 36.97 7.02 -5.20
C ASN A 188 36.48 7.79 -3.94
N CYS A 189 37.44 8.48 -3.27
CA CYS A 189 37.14 9.24 -2.08
C CYS A 189 37.56 10.65 -2.39
N LEU A 190 36.92 11.60 -1.70
CA LEU A 190 37.22 13.01 -1.88
C LEU A 190 37.73 13.68 -0.59
N VAL A 191 38.54 14.72 -0.77
CA VAL A 191 39.16 15.49 0.30
C VAL A 191 38.75 16.95 0.23
N GLY A 192 38.14 17.39 1.32
CA GLY A 192 37.74 18.78 1.47
C GLY A 192 38.68 19.54 2.37
N GLN A 193 38.67 20.86 2.23
CA GLN A 193 39.24 21.82 3.21
C GLN A 193 39.21 21.32 4.68
N GLY A 194 40.37 21.35 5.31
CA GLY A 194 40.47 20.95 6.71
C GLY A 194 40.41 19.45 6.87
N LEU A 195 40.87 18.74 5.84
CA LEU A 195 41.00 17.27 5.82
C LEU A 195 39.66 16.52 6.14
N VAL A 196 38.54 17.11 5.72
CA VAL A 196 37.25 16.40 5.64
C VAL A 196 37.33 15.38 4.47
N VAL A 197 37.10 14.12 4.77
CA VAL A 197 37.12 13.14 3.70
C VAL A 197 35.81 12.37 3.57
N LYS A 198 35.33 12.27 2.34
CA LYS A 198 34.06 11.56 2.06
C LYS A 198 34.19 10.63 0.90
N ILE A 199 33.38 9.56 0.91
CA ILE A 199 33.24 8.69 -0.28
C ILE A 199 32.66 9.50 -1.42
N GLY A 200 33.34 9.48 -2.55
CA GLY A 200 32.98 10.37 -3.67
C GLY A 200 32.37 9.73 -4.91
N ASP A 201 32.53 8.43 -5.08
CA ASP A 201 32.08 7.73 -6.27
C ASP A 201 31.57 6.37 -5.89
N PHE A 202 30.52 5.89 -6.57
CA PHE A 202 29.91 4.56 -6.28
C PHE A 202 30.03 3.46 -7.33
N GLY A 203 30.56 3.81 -8.50
CA GLY A 203 30.56 2.90 -9.68
C GLY A 203 32.01 2.55 -10.16
N THR A 220 34.62 -6.55 -19.14
CA THR A 220 34.39 -5.88 -17.85
C THR A 220 35.71 -5.50 -17.13
N MET A 221 35.73 -4.28 -16.57
CA MET A 221 36.87 -3.74 -15.85
C MET A 221 36.77 -4.03 -14.35
N LEU A 222 37.78 -4.65 -13.77
CA LEU A 222 37.72 -5.00 -12.36
C LEU A 222 38.89 -4.49 -11.47
N PRO A 223 38.58 -3.87 -10.31
CA PRO A 223 39.64 -3.31 -9.43
C PRO A 223 40.26 -4.45 -8.63
N ILE A 224 40.93 -5.30 -9.38
CA ILE A 224 41.40 -6.59 -8.93
C ILE A 224 42.31 -6.53 -7.71
N ARG A 225 43.17 -5.51 -7.63
CA ARG A 225 44.06 -5.37 -6.46
C ARG A 225 43.33 -5.12 -5.15
N TRP A 226 42.12 -4.55 -5.22
CA TRP A 226 41.25 -4.32 -4.04
C TRP A 226 40.26 -5.46 -3.73
N MET A 227 40.18 -6.46 -4.62
CA MET A 227 39.23 -7.58 -4.49
C MET A 227 39.75 -8.76 -3.68
N PRO A 228 38.88 -9.42 -2.87
CA PRO A 228 39.32 -10.63 -2.17
C PRO A 228 39.30 -11.85 -3.13
N PRO A 229 39.85 -13.01 -2.71
CA PRO A 229 39.82 -14.17 -3.61
C PRO A 229 38.41 -14.50 -4.15
N GLU A 230 37.44 -14.61 -3.24
CA GLU A 230 36.08 -15.03 -3.60
C GLU A 230 35.39 -14.08 -4.59
N SER A 231 35.93 -12.88 -4.75
CA SER A 231 35.38 -11.92 -5.70
C SER A 231 36.10 -12.07 -7.01
N ILE A 232 37.37 -12.41 -6.93
CA ILE A 232 38.18 -12.64 -8.12
C ILE A 232 37.65 -13.92 -8.82
N LEU A 233 37.64 -15.02 -8.06
CA LEU A 233 37.20 -16.31 -8.56
C LEU A 233 35.70 -16.33 -8.93
N TYR A 234 34.84 -16.26 -7.91
CA TYR A 234 33.38 -16.49 -8.08
C TYR A 234 32.51 -15.26 -8.43
N ARG A 235 33.13 -14.08 -8.60
CA ARG A 235 32.41 -12.80 -8.80
C ARG A 235 31.28 -12.46 -7.74
N LYS A 236 31.44 -12.99 -6.51
CA LYS A 236 30.59 -12.70 -5.35
C LYS A 236 31.04 -11.40 -4.59
N PHE A 237 30.22 -10.36 -4.73
CA PHE A 237 30.43 -9.09 -4.06
C PHE A 237 29.43 -8.93 -2.93
N THR A 238 29.95 -8.82 -1.72
CA THR A 238 29.15 -8.71 -0.53
C THR A 238 29.64 -7.55 0.35
N THR A 239 29.09 -7.44 1.55
CA THR A 239 29.50 -6.50 2.54
C THR A 239 30.92 -6.84 2.97
N GLU A 240 31.17 -8.15 3.13
CA GLU A 240 32.46 -8.67 3.56
C GLU A 240 33.56 -8.56 2.51
N SER A 241 33.21 -8.34 1.24
CA SER A 241 34.22 -8.05 0.22
C SER A 241 34.54 -6.59 0.24
N ASP A 242 33.56 -5.80 0.61
CA ASP A 242 33.77 -4.37 0.85
C ASP A 242 34.73 -4.14 2.04
N VAL A 243 34.65 -4.95 3.10
CA VAL A 243 35.62 -4.81 4.20
C VAL A 243 37.03 -5.13 3.78
N TRP A 244 37.16 -6.16 2.93
CA TRP A 244 38.41 -6.53 2.32
C TRP A 244 38.98 -5.31 1.64
N SER A 245 38.19 -4.73 0.75
CA SER A 245 38.62 -3.54 0.01
C SER A 245 38.98 -2.40 1.00
N PHE A 246 38.26 -2.31 2.12
CA PHE A 246 38.56 -1.29 3.08
C PHE A 246 39.95 -1.50 3.66
N GLY A 247 40.27 -2.74 4.04
CA GLY A 247 41.62 -3.11 4.48
C GLY A 247 42.70 -2.59 3.52
N VAL A 248 42.49 -2.74 2.21
CA VAL A 248 43.43 -2.30 1.18
C VAL A 248 43.43 -0.81 1.13
N VAL A 249 42.29 -0.19 1.50
CA VAL A 249 42.21 1.28 1.60
C VAL A 249 43.11 1.76 2.75
N LEU A 250 43.00 1.11 3.91
CA LEU A 250 43.89 1.35 5.03
C LEU A 250 45.33 1.29 4.54
N TRP A 251 45.67 0.23 3.81
CA TRP A 251 47.02 0.06 3.29
C TRP A 251 47.46 1.23 2.38
N GLU A 252 46.59 1.65 1.47
CA GLU A 252 46.84 2.82 0.63
C GLU A 252 47.10 4.08 1.46
N ILE A 253 46.33 4.23 2.53
CA ILE A 253 46.45 5.40 3.40
C ILE A 253 47.85 5.39 4.08
N PHE A 254 48.23 4.27 4.68
CA PHE A 254 49.51 4.18 5.38
C PHE A 254 50.76 4.08 4.51
N THR A 255 50.58 3.97 3.20
CA THR A 255 51.69 3.94 2.25
C THR A 255 51.69 5.21 1.43
N TYR A 256 50.87 6.15 1.85
CA TYR A 256 50.74 7.43 1.13
C TYR A 256 50.34 7.31 -0.35
N GLY A 257 49.37 6.43 -0.58
CA GLY A 257 48.77 6.31 -1.88
C GLY A 257 49.39 5.35 -2.85
N LYS A 258 50.13 4.38 -2.36
CA LYS A 258 50.77 3.40 -3.24
C LYS A 258 49.76 2.41 -3.83
N GLN A 259 49.99 1.99 -5.09
CA GLN A 259 49.19 0.92 -5.70
C GLN A 259 49.42 -0.38 -4.96
N PRO A 260 48.36 -1.04 -4.48
CA PRO A 260 48.62 -2.30 -3.83
C PRO A 260 49.27 -3.27 -4.86
N TRP A 261 50.27 -4.06 -4.44
CA TRP A 261 51.02 -4.96 -5.35
C TRP A 261 51.62 -4.24 -6.58
N TYR A 262 52.17 -3.03 -6.38
CA TYR A 262 52.65 -2.16 -7.49
C TYR A 262 53.77 -2.77 -8.36
N GLN A 263 54.68 -3.51 -7.75
CA GLN A 263 55.75 -4.17 -8.49
C GLN A 263 55.18 -5.14 -9.55
N LEU A 264 54.19 -5.94 -9.11
CA LEU A 264 53.52 -7.00 -9.86
C LEU A 264 52.57 -6.51 -10.94
N SER A 265 52.33 -7.37 -11.94
CA SER A 265 51.34 -7.12 -12.98
C SER A 265 49.99 -7.60 -12.46
N ASN A 266 48.92 -7.25 -13.17
CA ASN A 266 47.58 -7.72 -12.82
C ASN A 266 47.49 -9.24 -12.56
N THR A 267 48.03 -10.05 -13.50
CA THR A 267 48.02 -11.54 -13.35
C THR A 267 48.84 -12.01 -12.13
N GLU A 268 49.96 -11.33 -11.88
CA GLU A 268 50.79 -11.63 -10.73
C GLU A 268 50.08 -11.23 -9.43
N ALA A 269 49.30 -10.13 -9.49
CA ALA A 269 48.51 -9.68 -8.33
C ALA A 269 47.45 -10.73 -7.98
N ILE A 270 46.70 -11.15 -9.01
CA ILE A 270 45.74 -12.25 -8.86
C ILE A 270 46.40 -13.48 -8.23
N ASP A 271 47.59 -13.84 -8.72
CA ASP A 271 48.32 -14.99 -8.16
C ASP A 271 48.44 -14.81 -6.65
N CYS A 272 49.02 -13.69 -6.23
CA CYS A 272 49.24 -13.42 -4.80
C CYS A 272 47.94 -13.44 -3.98
N ILE A 273 46.90 -12.79 -4.48
CA ILE A 273 45.62 -12.74 -3.78
C ILE A 273 45.05 -14.15 -3.64
N THR A 274 45.02 -14.89 -4.75
CA THR A 274 44.49 -16.26 -4.76
C THR A 274 45.36 -17.23 -3.93
N GLN A 275 46.68 -17.02 -3.94
CA GLN A 275 47.63 -17.79 -3.13
C GLN A 275 47.52 -17.56 -1.61
N GLY A 276 46.82 -16.49 -1.19
CA GLY A 276 46.68 -16.15 0.24
C GLY A 276 47.77 -15.24 0.76
N ARG A 277 48.50 -14.59 -0.15
CA ARG A 277 49.60 -13.70 0.23
C ARG A 277 49.09 -12.30 0.61
N GLU A 278 49.42 -11.84 1.82
CA GLU A 278 49.01 -10.51 2.33
C GLU A 278 49.98 -9.39 1.95
N LEU A 279 49.47 -8.19 1.64
CA LEU A 279 50.33 -7.00 1.48
C LEU A 279 51.16 -6.78 2.76
N GLU A 280 52.38 -6.28 2.58
CA GLU A 280 53.26 -6.00 3.74
C GLU A 280 52.81 -4.82 4.63
N ARG A 281 53.17 -4.86 5.92
CA ARG A 281 52.91 -3.74 6.84
C ARG A 281 53.68 -2.51 6.41
N PRO A 282 52.99 -1.41 6.06
CA PRO A 282 53.71 -0.17 5.70
C PRO A 282 54.55 0.36 6.87
N ARG A 283 55.61 1.11 6.58
CA ARG A 283 56.47 1.64 7.63
C ARG A 283 55.76 2.63 8.56
N ALA A 284 54.92 3.48 7.98
CA ALA A 284 54.15 4.47 8.74
C ALA A 284 53.02 3.84 9.55
N CYS A 285 52.88 2.52 9.42
CA CYS A 285 51.77 1.78 10.01
C CYS A 285 52.08 1.01 11.30
N PRO A 286 51.59 1.48 12.47
CA PRO A 286 51.70 0.74 13.72
C PRO A 286 51.01 -0.61 13.67
N PRO A 287 51.55 -1.60 14.39
CA PRO A 287 51.00 -2.97 14.37
C PRO A 287 49.51 -3.11 14.72
N GLU A 288 48.96 -2.22 15.55
CA GLU A 288 47.54 -2.28 15.90
C GLU A 288 46.61 -1.93 14.71
N VAL A 289 47.09 -1.04 13.84
CA VAL A 289 46.43 -0.75 12.59
C VAL A 289 46.58 -1.95 11.62
N TYR A 290 47.79 -2.50 11.52
CA TYR A 290 47.99 -3.68 10.71
C TYR A 290 47.15 -4.87 11.20
N ALA A 291 46.79 -4.88 12.48
CA ALA A 291 45.88 -5.92 12.98
C ALA A 291 44.50 -5.74 12.31
N ILE A 292 44.06 -4.49 12.23
CA ILE A 292 42.81 -4.09 11.58
C ILE A 292 42.82 -4.51 10.10
N MET A 293 43.89 -4.20 9.37
CA MET A 293 44.04 -4.63 8.00
C MET A 293 43.79 -6.15 7.89
N ARG A 294 44.58 -6.92 8.65
CA ARG A 294 44.47 -8.39 8.71
C ARG A 294 43.08 -8.91 9.05
N GLY A 295 42.34 -8.17 9.88
CA GLY A 295 40.96 -8.53 10.19
C GLY A 295 40.04 -8.34 8.99
N CYS A 296 40.43 -7.45 8.07
CA CYS A 296 39.67 -7.22 6.86
C CYS A 296 40.04 -8.29 5.84
N TRP A 297 41.20 -8.91 6.05
CA TRP A 297 41.82 -9.78 5.04
C TRP A 297 41.74 -11.27 5.33
N GLN A 298 40.90 -11.67 6.28
CA GLN A 298 40.63 -13.09 6.52
C GLN A 298 40.25 -13.81 5.22
N ARG A 299 40.62 -15.09 5.12
CA ARG A 299 40.31 -15.88 3.93
C ARG A 299 38.80 -16.06 3.79
N GLU A 300 38.17 -16.58 4.84
CA GLU A 300 36.72 -16.81 4.86
C GLU A 300 35.96 -15.52 5.20
N PRO A 301 35.04 -15.07 4.31
CA PRO A 301 34.26 -13.87 4.52
C PRO A 301 33.57 -13.74 5.89
N GLN A 302 33.06 -14.84 6.43
CA GLN A 302 32.34 -14.78 7.69
C GLN A 302 33.27 -14.55 8.91
N GLN A 303 34.58 -14.77 8.74
CA GLN A 303 35.55 -14.49 9.83
C GLN A 303 36.00 -13.02 9.86
N ARG A 304 35.92 -12.38 8.70
CA ARG A 304 36.27 -10.98 8.51
C ARG A 304 35.51 -10.08 9.50
N HIS A 305 36.17 -9.05 10.04
CA HIS A 305 35.50 -8.10 10.96
C HIS A 305 34.42 -7.21 10.26
N SER A 306 33.42 -6.81 11.05
CA SER A 306 32.38 -5.87 10.57
C SER A 306 32.98 -4.50 10.39
N ILE A 307 32.49 -3.73 9.42
CA ILE A 307 33.00 -2.39 9.19
C ILE A 307 32.70 -1.54 10.46
N LYS A 308 31.66 -1.92 11.20
CA LYS A 308 31.30 -1.25 12.43
C LYS A 308 32.40 -1.43 13.46
N ASP A 309 32.89 -2.66 13.60
CA ASP A 309 33.97 -2.92 14.56
C ASP A 309 35.19 -2.16 14.09
N VAL A 310 35.50 -2.30 12.80
CA VAL A 310 36.65 -1.64 12.19
C VAL A 310 36.60 -0.12 12.44
N HIS A 311 35.44 0.52 12.28
CA HIS A 311 35.32 1.97 12.48
C HIS A 311 35.59 2.38 13.94
N ALA A 312 34.93 1.70 14.89
CA ALA A 312 35.15 1.84 16.34
C ALA A 312 36.64 1.76 16.73
N ARG A 313 37.31 0.69 16.30
CA ARG A 313 38.73 0.50 16.57
C ARG A 313 39.59 1.64 16.06
N LEU A 314 39.28 2.18 14.88
CA LEU A 314 40.06 3.27 14.30
C LEU A 314 39.69 4.57 14.96
N GLN A 315 38.43 4.72 15.34
CA GLN A 315 37.95 5.91 16.03
C GLN A 315 38.65 5.98 17.39
N ALA A 316 38.77 4.85 18.07
CA ALA A 316 39.40 4.80 19.37
C ALA A 316 40.89 5.13 19.21
N LEU A 317 41.49 4.58 18.15
CA LEU A 317 42.91 4.80 17.89
C LEU A 317 43.22 6.24 17.54
N ALA A 318 42.22 6.96 17.02
CA ALA A 318 42.48 8.27 16.49
C ALA A 318 42.36 9.29 17.61
N GLN A 319 41.62 8.93 18.67
CA GLN A 319 41.44 9.84 19.81
C GLN A 319 42.69 9.76 20.69
N ALA A 320 43.14 8.53 20.99
CA ALA A 320 44.32 8.31 21.85
C ALA A 320 45.41 7.46 21.16
N PRO A 321 46.18 8.06 20.23
CA PRO A 321 47.11 7.32 19.32
C PRO A 321 48.37 6.71 19.99
N PRO A 322 48.75 5.46 19.56
CA PRO A 322 49.89 4.74 20.15
C PRO A 322 51.25 5.00 19.47
N ALA B 33 -2.77 15.59 -7.50
CA ALA B 33 -2.39 14.15 -7.31
C ALA B 33 -3.53 13.37 -6.65
N CYS B 34 -3.77 12.15 -7.14
CA CYS B 34 -4.91 11.35 -6.69
C CYS B 34 -4.54 10.41 -5.53
N VAL B 35 -3.46 9.67 -5.72
CA VAL B 35 -2.78 8.90 -4.70
C VAL B 35 -1.71 9.85 -4.16
N HIS B 36 -1.41 9.83 -2.85
CA HIS B 36 -0.34 10.73 -2.38
C HIS B 36 1.04 10.29 -2.88
N HIS B 37 1.77 11.26 -3.44
CA HIS B 37 3.12 11.09 -3.99
C HIS B 37 4.15 11.51 -2.96
N ILE B 38 5.15 10.65 -2.78
CA ILE B 38 6.25 11.00 -1.92
C ILE B 38 7.41 11.30 -2.84
N LYS B 39 7.86 12.54 -2.79
CA LYS B 39 9.00 12.94 -3.61
C LYS B 39 10.27 12.26 -3.10
N ARG B 40 10.92 11.53 -3.99
CA ARG B 40 12.20 10.87 -3.71
C ARG B 40 13.13 11.79 -2.88
N ARG B 41 13.21 13.08 -3.24
CA ARG B 41 14.09 14.08 -2.59
C ARG B 41 13.75 14.42 -1.16
N ASP B 42 12.57 14.00 -0.69
CA ASP B 42 12.14 14.27 0.68
C ASP B 42 12.44 13.07 1.57
N ILE B 43 13.10 12.07 0.98
CA ILE B 43 13.45 10.84 1.67
C ILE B 43 14.98 10.82 1.95
N VAL B 44 15.38 10.44 3.17
CA VAL B 44 16.79 10.10 3.42
C VAL B 44 16.88 8.75 4.14
N LEU B 45 17.48 7.78 3.47
CA LEU B 45 17.59 6.44 4.01
C LEU B 45 18.51 6.47 5.23
N LYS B 46 18.13 5.76 6.29
CA LYS B 46 18.97 5.65 7.48
C LYS B 46 19.65 4.31 7.51
N TRP B 47 18.87 3.22 7.49
CA TRP B 47 19.41 1.84 7.46
C TRP B 47 18.33 0.84 7.14
N GLU B 48 18.71 -0.37 6.70
CA GLU B 48 17.75 -1.45 6.40
C GLU B 48 17.09 -2.05 7.65
N LEU B 49 15.78 -2.21 7.63
CA LEU B 49 15.05 -2.78 8.79
C LEU B 49 14.87 -4.28 8.59
N GLY B 50 14.56 -4.65 7.36
CA GLY B 50 14.36 -6.05 7.02
C GLY B 50 14.20 -6.30 5.52
N GLU B 51 14.11 -7.58 5.19
CA GLU B 51 13.97 -7.99 3.79
C GLU B 51 12.69 -8.79 3.63
N GLY B 52 12.10 -8.68 2.45
CA GLY B 52 10.94 -9.47 2.04
C GLY B 52 11.24 -10.17 0.71
N ALA B 53 10.23 -10.79 0.13
CA ALA B 53 10.40 -11.35 -1.21
C ALA B 53 10.39 -10.17 -2.20
N PHE B 54 9.52 -9.19 -1.93
CA PHE B 54 9.38 -7.93 -2.70
C PHE B 54 10.66 -7.09 -2.87
N GLY B 55 11.59 -7.24 -1.93
CA GLY B 55 12.80 -6.42 -1.88
C GLY B 55 13.21 -6.11 -0.45
N LYS B 56 13.26 -4.82 -0.13
CA LYS B 56 13.84 -4.35 1.12
C LYS B 56 12.99 -3.30 1.82
N VAL B 57 13.04 -3.28 3.16
CA VAL B 57 12.46 -2.14 3.90
C VAL B 57 13.51 -1.35 4.67
N PHE B 58 13.45 -0.03 4.53
CA PHE B 58 14.42 0.86 5.14
C PHE B 58 13.77 1.76 6.15
N LEU B 59 14.51 2.12 7.20
CA LEU B 59 14.15 3.25 8.06
C LEU B 59 14.64 4.49 7.33
N ALA B 60 13.79 5.50 7.21
CA ALA B 60 14.20 6.75 6.57
C ALA B 60 13.71 7.92 7.35
N GLU B 61 14.32 9.08 7.16
CA GLU B 61 13.74 10.35 7.59
C GLU B 61 12.92 10.89 6.40
N CYS B 62 11.73 11.40 6.67
CA CYS B 62 10.85 11.98 5.64
C CYS B 62 10.69 13.47 5.87
N HIS B 63 11.04 14.27 4.86
CA HIS B 63 10.91 15.74 4.92
C HIS B 63 9.56 16.26 4.43
N ASN B 64 9.00 17.17 5.22
CA ASN B 64 7.63 17.72 5.08
C ASN B 64 6.57 16.75 4.51
N LEU B 65 6.15 15.80 5.35
CA LEU B 65 5.14 14.80 5.00
C LEU B 65 3.79 15.09 5.68
N LEU B 66 3.86 15.49 6.95
CA LEU B 66 2.70 15.96 7.72
C LEU B 66 3.09 17.26 8.43
N PRO B 67 2.11 18.18 8.67
CA PRO B 67 2.43 19.46 9.33
C PRO B 67 2.74 19.32 10.83
N LYS B 71 10.38 16.92 9.36
CA LYS B 71 11.17 15.69 9.55
C LYS B 71 10.52 14.67 10.50
N MET B 72 10.46 13.40 10.08
CA MET B 72 9.88 12.29 10.86
C MET B 72 10.36 10.95 10.29
N LEU B 73 10.19 9.88 11.07
CA LEU B 73 10.70 8.59 10.67
C LEU B 73 9.62 7.79 10.03
N VAL B 74 9.97 7.08 8.95
CA VAL B 74 9.01 6.28 8.16
C VAL B 74 9.68 5.01 7.76
N ALA B 75 8.88 4.03 7.31
CA ALA B 75 9.41 2.80 6.79
C ALA B 75 9.27 2.92 5.27
N VAL B 76 10.34 2.64 4.52
CA VAL B 76 10.31 2.75 3.06
C VAL B 76 10.40 1.35 2.48
N LYS B 77 9.39 0.95 1.71
CA LYS B 77 9.42 -0.35 1.05
C LYS B 77 10.01 -0.09 -0.35
N ALA B 78 11.19 -0.63 -0.62
CA ALA B 78 11.85 -0.50 -1.94
C ALA B 78 11.84 -1.82 -2.73
N LEU B 79 11.11 -1.79 -3.84
CA LEU B 79 10.90 -2.99 -4.65
C LEU B 79 12.10 -3.30 -5.54
N LYS B 80 12.55 -4.55 -5.46
CA LYS B 80 13.66 -5.05 -6.31
C LYS B 80 13.26 -5.25 -7.79
N GLU B 81 12.06 -5.80 -8.03
CA GLU B 81 11.59 -6.25 -9.37
C GLU B 81 11.78 -5.31 -10.58
N ALA B 82 11.39 -4.04 -10.44
CA ALA B 82 11.60 -3.01 -11.50
C ALA B 82 10.94 -3.24 -12.89
N SER B 83 10.28 -4.39 -13.05
CA SER B 83 9.66 -4.80 -14.34
C SER B 83 8.47 -3.93 -14.79
N GLU B 84 7.37 -4.57 -15.20
CA GLU B 84 6.16 -3.84 -15.63
C GLU B 84 4.90 -4.51 -15.06
N SER B 85 4.89 -5.85 -15.10
CA SER B 85 3.88 -6.62 -14.37
C SER B 85 3.86 -6.13 -12.91
N ALA B 86 5.04 -6.15 -12.29
CA ALA B 86 5.25 -5.78 -10.89
C ALA B 86 5.11 -4.27 -10.62
N ARG B 87 5.49 -3.45 -11.60
CA ARG B 87 5.37 -2.00 -11.50
C ARG B 87 3.90 -1.53 -11.52
N GLN B 88 3.04 -2.22 -12.27
CA GLN B 88 1.63 -1.84 -12.31
C GLN B 88 0.96 -2.43 -11.05
N ASP B 89 1.41 -3.61 -10.64
CA ASP B 89 0.92 -4.28 -9.43
C ASP B 89 1.13 -3.42 -8.17
N PHE B 90 2.27 -2.72 -8.14
CA PHE B 90 2.69 -1.87 -7.04
C PHE B 90 1.79 -0.64 -7.05
N GLN B 91 1.59 -0.05 -8.22
CA GLN B 91 0.64 1.07 -8.33
C GLN B 91 -0.74 0.69 -7.79
N ARG B 92 -1.24 -0.50 -8.13
CA ARG B 92 -2.61 -0.86 -7.75
C ARG B 92 -2.72 -1.07 -6.23
N GLU B 93 -1.72 -1.74 -5.67
CA GLU B 93 -1.58 -1.96 -4.23
C GLU B 93 -1.70 -0.59 -3.52
N ALA B 94 -0.97 0.40 -4.04
CA ALA B 94 -1.02 1.76 -3.50
C ALA B 94 -2.38 2.40 -3.66
N GLU B 95 -3.12 1.98 -4.68
CA GLU B 95 -4.40 2.62 -4.97
C GLU B 95 -5.48 2.12 -4.02
N LEU B 96 -5.32 0.88 -3.58
CA LEU B 96 -6.14 0.31 -2.54
C LEU B 96 -5.74 0.90 -1.18
N LEU B 97 -4.50 0.65 -0.76
CA LEU B 97 -3.97 1.09 0.53
C LEU B 97 -4.28 2.52 0.87
N THR B 98 -4.42 3.37 -0.14
CA THR B 98 -4.70 4.81 0.05
C THR B 98 -6.03 5.03 0.74
N MET B 99 -6.99 4.13 0.50
CA MET B 99 -8.35 4.26 1.02
C MET B 99 -8.58 3.45 2.30
N LEU B 100 -7.65 2.54 2.61
CA LEU B 100 -7.73 1.71 3.83
C LEU B 100 -7.05 2.40 4.98
N GLN B 101 -7.81 2.94 5.91
CA GLN B 101 -7.23 3.46 7.15
C GLN B 101 -7.92 2.86 8.37
N HIS B 102 -7.09 2.45 9.32
CA HIS B 102 -7.56 1.91 10.58
C HIS B 102 -6.47 1.99 11.62
N GLN B 103 -6.86 2.25 12.86
CA GLN B 103 -5.94 2.26 13.99
C GLN B 103 -5.10 0.98 14.08
N HIS B 104 -5.59 -0.14 13.56
CA HIS B 104 -4.80 -1.37 13.56
C HIS B 104 -4.40 -1.98 12.21
N ILE B 105 -4.39 -1.14 11.16
CA ILE B 105 -3.71 -1.44 9.89
C ILE B 105 -2.54 -0.45 9.77
N VAL B 106 -1.32 -0.94 9.48
CA VAL B 106 -0.13 -0.04 9.38
C VAL B 106 -0.42 1.14 8.43
N ARG B 107 -0.07 2.34 8.83
CA ARG B 107 -0.42 3.50 8.04
C ARG B 107 0.39 3.67 6.74
N PHE B 108 -0.34 3.73 5.62
CA PHE B 108 0.18 4.05 4.29
C PHE B 108 0.27 5.56 4.10
N PHE B 109 1.47 6.07 3.81
CA PHE B 109 1.68 7.52 3.62
C PHE B 109 1.70 7.97 2.15
N GLY B 110 2.19 7.10 1.26
CA GLY B 110 2.39 7.50 -0.12
C GLY B 110 3.26 6.61 -0.94
N VAL B 111 3.49 7.02 -2.18
CA VAL B 111 4.13 6.16 -3.18
C VAL B 111 4.96 7.01 -4.14
N CYS B 112 5.95 6.38 -4.78
CA CYS B 112 6.60 6.89 -5.99
C CYS B 112 6.93 5.74 -6.90
N THR B 113 6.28 5.72 -8.06
CA THR B 113 6.53 4.69 -9.09
C THR B 113 7.29 5.32 -10.26
N GLU B 114 7.50 6.64 -10.17
CA GLU B 114 8.22 7.44 -11.15
C GLU B 114 9.70 7.40 -10.77
N GLY B 115 10.38 6.32 -11.17
CA GLY B 115 11.77 6.16 -10.81
C GLY B 115 12.05 4.75 -10.34
N ARG B 116 13.32 4.51 -10.02
CA ARG B 116 13.74 3.23 -9.48
C ARG B 116 14.60 3.46 -8.25
N PRO B 117 14.45 2.63 -7.20
CA PRO B 117 13.46 1.55 -7.14
C PRO B 117 12.06 2.10 -6.82
N LEU B 118 11.04 1.27 -7.01
CA LEU B 118 9.69 1.71 -6.64
C LEU B 118 9.60 1.80 -5.12
N LEU B 119 9.03 2.91 -4.64
CA LEU B 119 8.94 3.24 -3.21
C LEU B 119 7.50 3.32 -2.70
N MET B 120 7.28 2.69 -1.55
CA MET B 120 6.01 2.78 -0.82
C MET B 120 6.42 3.17 0.58
N VAL B 121 5.85 4.26 1.10
CA VAL B 121 6.20 4.71 2.44
C VAL B 121 5.08 4.58 3.47
N PHE B 122 5.43 3.95 4.60
CA PHE B 122 4.52 3.64 5.69
C PHE B 122 5.02 4.24 7.01
N GLU B 123 4.20 4.16 8.06
CA GLU B 123 4.67 4.55 9.41
C GLU B 123 5.71 3.54 9.92
N TYR B 124 6.62 4.03 10.74
CA TYR B 124 7.67 3.21 11.29
C TYR B 124 7.17 2.57 12.58
N MET B 125 7.18 1.24 12.62
CA MET B 125 6.80 0.45 13.77
C MET B 125 8.07 -0.10 14.38
N ARG B 126 8.60 0.63 15.37
CA ARG B 126 9.96 0.42 15.88
C ARG B 126 10.36 -0.96 16.40
N HIS B 127 9.42 -1.76 16.88
CA HIS B 127 9.69 -3.11 17.43
C HIS B 127 9.64 -4.30 16.45
N GLY B 128 9.39 -4.03 15.17
CA GLY B 128 9.50 -5.07 14.16
C GLY B 128 8.31 -6.01 14.13
N ASP B 129 8.46 -7.16 13.48
CA ASP B 129 7.34 -8.05 13.34
C ASP B 129 6.99 -8.70 14.68
N LEU B 130 5.69 -8.98 14.85
CA LEU B 130 5.13 -9.45 16.09
C LEU B 130 5.64 -10.84 16.53
N ASN B 131 5.97 -11.73 15.59
CA ASN B 131 6.58 -13.02 15.90
C ASN B 131 7.94 -12.87 16.57
N ARG B 132 8.81 -12.04 15.99
CA ARG B 132 10.11 -11.83 16.62
C ARG B 132 9.94 -11.22 17.99
N PHE B 133 9.01 -10.29 18.10
CA PHE B 133 8.70 -9.61 19.36
C PHE B 133 8.19 -10.58 20.39
N LEU B 134 7.31 -11.50 20.00
CA LEU B 134 6.83 -12.49 20.96
C LEU B 134 7.96 -13.41 21.46
N ARG B 135 8.90 -13.75 20.58
CA ARG B 135 10.00 -14.66 20.91
C ARG B 135 10.97 -14.00 21.89
N SER B 136 11.24 -12.73 21.64
CA SER B 136 12.11 -11.90 22.47
C SER B 136 11.58 -11.70 23.89
N HIS B 137 10.29 -11.41 24.00
CA HIS B 137 9.64 -11.04 25.24
C HIS B 137 8.91 -12.23 25.79
N GLY B 138 9.53 -13.40 25.63
CA GLY B 138 8.97 -14.68 26.06
C GLY B 138 9.99 -15.42 26.89
N PRO B 139 9.63 -16.61 27.40
CA PRO B 139 10.57 -17.33 28.29
C PRO B 139 11.73 -18.07 27.58
N ASP B 140 12.38 -17.42 26.60
CA ASP B 140 13.56 -17.99 25.89
C ASP B 140 14.60 -16.94 25.45
N GLY B 153 12.08 -10.22 30.14
CA GLY B 153 10.97 -10.52 31.04
C GLY B 153 9.66 -10.68 30.26
N PRO B 154 8.91 -11.80 30.53
CA PRO B 154 7.72 -12.13 29.74
C PRO B 154 6.55 -11.17 29.93
N LEU B 155 5.77 -11.02 28.86
CA LEU B 155 4.56 -10.22 28.87
C LEU B 155 3.51 -10.94 29.72
N GLY B 156 2.73 -10.17 30.45
CA GLY B 156 1.65 -10.74 31.23
C GLY B 156 0.35 -10.97 30.47
N LEU B 157 -0.52 -11.77 31.07
CA LEU B 157 -1.79 -12.08 30.48
C LEU B 157 -2.49 -10.86 29.81
N GLY B 158 -2.52 -9.74 30.51
CA GLY B 158 -3.19 -8.54 30.01
C GLY B 158 -2.50 -7.93 28.80
N GLN B 159 -1.18 -8.06 28.72
CA GLN B 159 -0.43 -7.57 27.57
C GLN B 159 -0.68 -8.50 26.34
N LEU B 160 -0.56 -9.79 26.57
CA LEU B 160 -0.84 -10.80 25.59
C LEU B 160 -2.25 -10.62 25.01
N LEU B 161 -3.20 -10.25 25.86
CA LEU B 161 -4.58 -10.10 25.44
C LEU B 161 -4.79 -8.78 24.66
N ALA B 162 -3.99 -7.79 25.02
CA ALA B 162 -3.98 -6.52 24.29
C ALA B 162 -3.46 -6.73 22.86
N VAL B 163 -2.40 -7.53 22.73
CA VAL B 163 -1.78 -7.84 21.44
C VAL B 163 -2.83 -8.48 20.54
N ALA B 164 -3.46 -9.55 21.06
CA ALA B 164 -4.51 -10.30 20.41
C ALA B 164 -5.72 -9.47 19.99
N SER B 165 -6.10 -8.53 20.84
CA SER B 165 -7.27 -7.67 20.69
C SER B 165 -7.01 -6.71 19.52
N GLN B 166 -5.78 -6.19 19.48
CA GLN B 166 -5.35 -5.30 18.41
C GLN B 166 -5.33 -5.97 17.03
N VAL B 167 -4.82 -7.21 16.95
CA VAL B 167 -4.81 -7.94 15.71
C VAL B 167 -6.26 -8.18 15.27
N ALA B 168 -7.14 -8.53 16.22
CA ALA B 168 -8.55 -8.83 15.91
C ALA B 168 -9.32 -7.60 15.41
N ALA B 169 -8.90 -6.43 15.89
CA ALA B 169 -9.54 -5.15 15.54
C ALA B 169 -9.28 -4.86 14.07
N GLY B 170 -8.04 -5.16 13.65
CA GLY B 170 -7.61 -5.03 12.25
C GLY B 170 -8.40 -5.99 11.38
N MET B 171 -8.53 -7.22 11.86
CA MET B 171 -9.35 -8.19 11.19
C MET B 171 -10.86 -7.87 11.13
N VAL B 172 -11.43 -7.15 12.10
CA VAL B 172 -12.82 -6.74 11.95
C VAL B 172 -13.00 -5.72 10.84
N TYR B 173 -12.12 -4.72 10.77
CA TYR B 173 -12.12 -3.74 9.69
C TYR B 173 -12.12 -4.45 8.30
N LEU B 174 -11.15 -5.35 8.10
CA LEU B 174 -11.06 -6.12 6.87
C LEU B 174 -12.29 -6.92 6.53
N ALA B 175 -12.82 -7.68 7.48
CA ALA B 175 -14.02 -8.49 7.26
C ALA B 175 -15.24 -7.64 7.00
N GLY B 176 -15.28 -6.44 7.58
CA GLY B 176 -16.37 -5.52 7.32
C GLY B 176 -16.27 -4.92 5.91
N LEU B 177 -15.07 -4.94 5.32
CA LEU B 177 -14.86 -4.47 3.96
C LEU B 177 -15.03 -5.62 2.98
N HIS B 178 -15.20 -6.83 3.51
CA HIS B 178 -15.33 -8.06 2.74
C HIS B 178 -13.99 -8.44 2.07
N PHE B 179 -12.89 -7.93 2.65
CA PHE B 179 -11.50 -8.21 2.23
CA PHE B 179 -11.54 -8.25 2.20
C PHE B 179 -11.01 -9.47 2.94
N VAL B 180 -10.55 -10.46 2.18
CA VAL B 180 -10.03 -11.72 2.72
C VAL B 180 -8.53 -11.58 2.70
N HIS B 181 -7.89 -11.83 3.84
CA HIS B 181 -6.46 -11.60 3.96
C HIS B 181 -5.66 -12.78 3.36
N ARG B 182 -6.05 -14.02 3.68
CA ARG B 182 -5.37 -15.24 3.24
C ARG B 182 -4.07 -15.60 3.96
N ASP B 183 -3.34 -14.65 4.51
CA ASP B 183 -2.02 -14.97 5.15
C ASP B 183 -1.84 -14.34 6.54
N LEU B 184 -2.85 -14.46 7.41
CA LEU B 184 -2.80 -13.82 8.73
C LEU B 184 -1.95 -14.68 9.63
N ALA B 185 -0.86 -14.09 10.11
CA ALA B 185 0.09 -14.77 10.96
C ALA B 185 0.83 -13.65 11.69
N THR B 186 1.41 -13.95 12.86
CA THR B 186 2.15 -12.92 13.62
C THR B 186 3.33 -12.31 12.87
N ARG B 187 3.95 -13.05 11.94
CA ARG B 187 5.06 -12.50 11.07
C ARG B 187 4.61 -11.31 10.20
N ASN B 188 3.31 -11.18 9.97
CA ASN B 188 2.71 -10.15 9.14
C ASN B 188 2.07 -9.00 9.94
N CYS B 189 2.34 -8.98 11.25
CA CYS B 189 1.85 -7.91 12.09
C CYS B 189 3.06 -7.12 12.58
N LEU B 190 2.87 -5.85 12.94
CA LEU B 190 3.96 -5.03 13.43
C LEU B 190 3.69 -4.48 14.86
N VAL B 191 4.79 -4.27 15.59
CA VAL B 191 4.73 -3.72 16.92
C VAL B 191 5.44 -2.38 16.94
N GLY B 192 4.74 -1.37 17.43
CA GLY B 192 5.27 0.00 17.57
C GLY B 192 5.48 0.41 19.03
N GLN B 193 5.77 1.69 19.24
CA GLN B 193 5.97 2.18 20.60
C GLN B 193 4.69 2.03 21.41
N GLY B 194 4.85 1.52 22.62
CA GLY B 194 3.76 1.40 23.59
C GLY B 194 2.95 0.11 23.46
N LEU B 195 3.55 -0.91 22.84
CA LEU B 195 2.87 -2.16 22.47
C LEU B 195 1.68 -1.91 21.50
N VAL B 196 1.81 -0.86 20.65
CA VAL B 196 0.82 -0.69 19.60
C VAL B 196 1.03 -1.83 18.57
N VAL B 197 -0.01 -2.59 18.30
CA VAL B 197 0.14 -3.62 17.31
C VAL B 197 -0.85 -3.48 16.13
N LYS B 198 -0.32 -3.55 14.91
CA LYS B 198 -1.13 -3.41 13.68
C LYS B 198 -0.83 -4.51 12.68
N ILE B 199 -1.78 -4.78 11.78
CA ILE B 199 -1.53 -5.63 10.62
C ILE B 199 -0.63 -4.88 9.65
N GLY B 200 0.46 -5.53 9.24
CA GLY B 200 1.49 -4.85 8.47
C GLY B 200 1.68 -5.28 7.04
N ASP B 201 1.11 -6.42 6.68
CA ASP B 201 1.33 -6.98 5.36
C ASP B 201 0.11 -7.69 4.88
N PHE B 202 -0.08 -7.67 3.55
CA PHE B 202 -1.15 -8.45 2.86
C PHE B 202 -0.56 -9.46 1.87
N LEU B 222 1.70 -21.38 0.10
CA LEU B 222 0.60 -21.73 1.03
C LEU B 222 1.05 -21.78 2.51
N PRO B 223 0.53 -20.87 3.36
CA PRO B 223 0.89 -20.89 4.77
C PRO B 223 0.00 -21.90 5.49
N ILE B 224 0.16 -23.15 5.07
CA ILE B 224 -0.69 -24.28 5.42
C ILE B 224 -1.02 -24.42 6.92
N ARG B 225 -0.04 -24.14 7.79
CA ARG B 225 -0.20 -24.26 9.24
C ARG B 225 -1.23 -23.27 9.83
N TRP B 226 -1.42 -22.13 9.18
CA TRP B 226 -2.46 -21.17 9.54
C TRP B 226 -3.77 -21.35 8.78
N MET B 227 -3.81 -22.32 7.87
CA MET B 227 -4.95 -22.53 6.97
C MET B 227 -5.92 -23.57 7.51
N PRO B 228 -7.23 -23.35 7.32
CA PRO B 228 -8.25 -24.34 7.72
C PRO B 228 -8.41 -25.49 6.68
N PRO B 229 -9.08 -26.60 7.07
CA PRO B 229 -9.23 -27.71 6.11
C PRO B 229 -9.81 -27.31 4.73
N GLU B 230 -10.90 -26.54 4.68
CA GLU B 230 -11.50 -26.07 3.39
C GLU B 230 -10.57 -25.29 2.48
N SER B 231 -9.49 -24.73 3.03
CA SER B 231 -8.62 -23.91 2.20
C SER B 231 -7.48 -24.77 1.72
N ILE B 232 -7.13 -25.76 2.54
CA ILE B 232 -6.13 -26.75 2.15
C ILE B 232 -6.73 -27.66 1.07
N LEU B 233 -7.85 -28.29 1.41
CA LEU B 233 -8.49 -29.29 0.57
C LEU B 233 -9.18 -28.69 -0.62
N TYR B 234 -10.07 -27.72 -0.41
CA TYR B 234 -10.95 -27.22 -1.48
C TYR B 234 -10.55 -25.85 -2.04
N ARG B 235 -9.44 -25.29 -1.56
CA ARG B 235 -8.99 -23.93 -1.92
C ARG B 235 -10.03 -22.80 -1.76
N LYS B 236 -10.91 -22.94 -0.76
CA LYS B 236 -11.86 -21.88 -0.40
C LYS B 236 -11.28 -20.89 0.64
N PHE B 237 -11.20 -19.62 0.27
CA PHE B 237 -10.71 -18.56 1.13
C PHE B 237 -11.80 -17.55 1.43
N THR B 238 -12.20 -17.46 2.69
CA THR B 238 -13.32 -16.60 3.08
C THR B 238 -12.96 -15.85 4.36
N THR B 239 -13.84 -14.93 4.80
CA THR B 239 -13.67 -14.28 6.09
C THR B 239 -13.69 -15.31 7.22
N GLU B 240 -14.42 -16.40 7.01
CA GLU B 240 -14.44 -17.49 8.02
C GLU B 240 -13.17 -18.35 7.99
N SER B 241 -12.43 -18.35 6.88
CA SER B 241 -11.11 -19.02 6.93
C SER B 241 -10.08 -18.10 7.63
N ASP B 242 -10.26 -16.79 7.45
CA ASP B 242 -9.51 -15.76 8.20
C ASP B 242 -9.72 -15.87 9.74
N VAL B 243 -10.94 -16.17 10.24
CA VAL B 243 -11.07 -16.38 11.71
C VAL B 243 -10.25 -17.56 12.16
N TRP B 244 -10.32 -18.64 11.38
CA TRP B 244 -9.53 -19.81 11.65
C TRP B 244 -8.08 -19.40 11.84
N SER B 245 -7.56 -18.58 10.92
CA SER B 245 -6.15 -18.17 10.96
C SER B 245 -5.93 -17.30 12.18
N PHE B 246 -6.91 -16.44 12.50
CA PHE B 246 -6.81 -15.65 13.72
C PHE B 246 -6.74 -16.52 14.97
N GLY B 247 -7.52 -17.58 15.01
CA GLY B 247 -7.39 -18.58 16.03
C GLY B 247 -5.94 -19.04 16.18
N VAL B 248 -5.28 -19.28 15.05
CA VAL B 248 -3.91 -19.78 15.08
C VAL B 248 -2.99 -18.68 15.54
N VAL B 249 -3.32 -17.44 15.18
CA VAL B 249 -2.59 -16.24 15.66
C VAL B 249 -2.66 -16.10 17.19
N LEU B 250 -3.85 -16.29 17.76
CA LEU B 250 -4.07 -16.37 19.21
C LEU B 250 -3.15 -17.36 19.87
N TRP B 251 -3.03 -18.54 19.28
CA TRP B 251 -2.13 -19.60 19.73
C TRP B 251 -0.67 -19.11 19.70
N GLU B 252 -0.23 -18.49 18.60
CA GLU B 252 1.13 -17.98 18.52
C GLU B 252 1.41 -16.97 19.64
N ILE B 253 0.45 -16.07 19.89
CA ILE B 253 0.58 -15.03 20.91
C ILE B 253 0.78 -15.70 22.27
N PHE B 254 -0.08 -16.65 22.60
CA PHE B 254 -0.02 -17.34 23.87
C PHE B 254 1.06 -18.40 24.05
N THR B 255 1.88 -18.65 23.02
CA THR B 255 2.97 -19.64 23.12
C THR B 255 4.27 -18.92 22.91
N TYR B 256 4.15 -17.59 22.97
CA TYR B 256 5.26 -16.63 22.76
C TYR B 256 5.97 -16.82 21.43
N GLY B 257 5.16 -16.96 20.37
CA GLY B 257 5.63 -16.97 19.00
C GLY B 257 6.07 -18.31 18.44
N LYS B 258 5.61 -19.39 19.03
CA LYS B 258 5.97 -20.73 18.56
C LYS B 258 5.31 -21.01 17.22
N GLN B 259 5.97 -21.80 16.37
CA GLN B 259 5.36 -22.22 15.10
C GLN B 259 4.27 -23.24 15.37
N PRO B 260 3.06 -23.03 14.84
CA PRO B 260 2.04 -24.06 15.04
C PRO B 260 2.49 -25.42 14.46
N TRP B 261 2.21 -26.50 15.19
CA TRP B 261 2.60 -27.86 14.80
C TRP B 261 4.12 -27.96 14.53
N TYR B 262 4.91 -27.38 15.44
CA TYR B 262 6.38 -27.30 15.24
C TYR B 262 7.07 -28.66 15.21
N GLN B 263 6.54 -29.60 15.98
CA GLN B 263 7.10 -30.95 16.07
C GLN B 263 7.08 -31.60 14.68
N LEU B 264 5.90 -31.54 14.05
CA LEU B 264 5.62 -32.15 12.74
C LEU B 264 6.24 -31.33 11.58
N SER B 265 6.17 -31.87 10.36
CA SER B 265 6.74 -31.23 9.17
C SER B 265 5.63 -30.70 8.26
N ASN B 266 6.01 -29.96 7.22
CA ASN B 266 5.07 -29.31 6.30
C ASN B 266 3.92 -30.19 5.79
N THR B 267 4.11 -31.52 5.86
CA THR B 267 3.17 -32.49 5.28
C THR B 267 2.33 -33.16 6.38
N GLU B 268 3.00 -33.64 7.42
CA GLU B 268 2.29 -34.30 8.51
C GLU B 268 1.40 -33.32 9.29
N ALA B 269 1.67 -32.03 9.14
CA ALA B 269 0.82 -30.99 9.72
C ALA B 269 -0.53 -30.89 8.99
N ILE B 270 -0.47 -30.89 7.66
CA ILE B 270 -1.70 -30.81 6.86
C ILE B 270 -2.61 -32.03 7.09
N ASP B 271 -2.00 -33.17 7.41
CA ASP B 271 -2.78 -34.35 7.73
C ASP B 271 -3.45 -34.19 9.08
N CYS B 272 -2.73 -33.55 10.02
CA CYS B 272 -3.25 -33.24 11.36
C CYS B 272 -4.42 -32.24 11.32
N ILE B 273 -4.31 -31.23 10.45
CA ILE B 273 -5.37 -30.23 10.29
C ILE B 273 -6.59 -30.92 9.71
N THR B 274 -6.35 -31.63 8.60
CA THR B 274 -7.38 -32.41 7.90
C THR B 274 -8.11 -33.44 8.76
N GLN B 275 -7.40 -34.23 9.57
CA GLN B 275 -8.09 -35.19 10.43
C GLN B 275 -8.65 -34.62 11.77
N GLY B 276 -9.01 -33.33 11.77
CA GLY B 276 -9.71 -32.70 12.90
C GLY B 276 -8.91 -32.42 14.17
N ARG B 277 -7.58 -32.57 14.11
CA ARG B 277 -6.76 -32.39 15.30
C ARG B 277 -6.51 -30.88 15.65
N GLU B 278 -6.87 -30.49 16.88
CA GLU B 278 -6.72 -29.11 17.38
C GLU B 278 -5.36 -28.94 18.06
N LEU B 279 -4.81 -27.73 18.02
CA LEU B 279 -3.53 -27.42 18.71
C LEU B 279 -3.73 -27.41 20.22
N GLU B 280 -2.68 -27.77 20.96
CA GLU B 280 -2.79 -27.91 22.42
C GLU B 280 -2.99 -26.55 23.07
N ARG B 281 -3.71 -26.52 24.19
CA ARG B 281 -3.88 -25.30 24.94
C ARG B 281 -2.53 -24.87 25.48
N PRO B 282 -2.09 -23.63 25.16
CA PRO B 282 -0.76 -23.21 25.61
C PRO B 282 -0.72 -23.07 27.13
N ARG B 283 0.46 -23.23 27.72
CA ARG B 283 0.64 -23.09 29.19
C ARG B 283 0.18 -21.74 29.74
N ALA B 284 0.47 -20.67 29.00
CA ALA B 284 0.07 -19.31 29.39
C ALA B 284 -1.40 -18.95 29.05
N CYS B 285 -2.21 -19.95 28.66
CA CYS B 285 -3.54 -19.67 28.14
C CYS B 285 -4.73 -20.03 29.05
N PRO B 286 -5.38 -19.01 29.64
CA PRO B 286 -6.62 -19.23 30.39
C PRO B 286 -7.68 -19.97 29.59
N PRO B 287 -8.52 -20.77 30.26
CA PRO B 287 -9.48 -21.54 29.48
C PRO B 287 -10.45 -20.68 28.70
N GLU B 288 -10.68 -19.44 29.13
CA GLU B 288 -11.72 -18.63 28.46
C GLU B 288 -11.21 -18.11 27.14
N VAL B 289 -9.87 -18.07 27.03
CA VAL B 289 -9.14 -17.68 25.81
C VAL B 289 -9.11 -18.88 24.86
N TYR B 290 -8.91 -20.07 25.41
CA TYR B 290 -8.93 -21.29 24.63
C TYR B 290 -10.29 -21.57 24.03
N ALA B 291 -11.34 -21.13 24.71
CA ALA B 291 -12.69 -21.20 24.19
C ALA B 291 -12.83 -20.28 22.98
N ILE B 292 -12.12 -19.15 23.00
CA ILE B 292 -12.07 -18.26 21.84
C ILE B 292 -11.42 -18.98 20.65
N MET B 293 -10.20 -19.51 20.84
CA MET B 293 -9.49 -20.27 19.81
C MET B 293 -10.40 -21.38 19.25
N ARG B 294 -10.89 -22.23 20.15
CA ARG B 294 -11.75 -23.33 19.75
C ARG B 294 -12.95 -22.86 18.94
N GLY B 295 -13.44 -21.67 19.25
CA GLY B 295 -14.55 -21.07 18.50
C GLY B 295 -14.19 -20.68 17.07
N CYS B 296 -12.91 -20.37 16.87
CA CYS B 296 -12.37 -20.03 15.55
C CYS B 296 -12.09 -21.29 14.74
N TRP B 297 -11.92 -22.42 15.44
CA TRP B 297 -11.40 -23.68 14.90
C TRP B 297 -12.48 -24.75 14.71
N GLN B 298 -13.76 -24.35 14.64
CA GLN B 298 -14.85 -25.25 14.25
C GLN B 298 -14.62 -25.73 12.82
N ARG B 299 -14.89 -27.00 12.55
CA ARG B 299 -14.67 -27.51 11.19
C ARG B 299 -15.58 -26.83 10.16
N GLU B 300 -16.85 -26.65 10.53
CA GLU B 300 -17.83 -25.98 9.65
C GLU B 300 -17.64 -24.46 9.62
N PRO B 301 -17.34 -23.90 8.44
CA PRO B 301 -17.11 -22.45 8.35
C PRO B 301 -18.21 -21.58 8.97
N GLN B 302 -19.47 -21.93 8.76
CA GLN B 302 -20.58 -21.11 9.26
C GLN B 302 -20.79 -21.25 10.76
N GLN B 303 -20.21 -22.31 11.33
CA GLN B 303 -20.30 -22.57 12.77
C GLN B 303 -19.23 -21.85 13.59
N ARG B 304 -18.23 -21.31 12.90
CA ARG B 304 -17.12 -20.54 13.48
C ARG B 304 -17.60 -19.19 14.02
N HIS B 305 -17.02 -18.73 15.14
CA HIS B 305 -17.40 -17.42 15.75
C HIS B 305 -17.06 -16.28 14.80
N SER B 306 -17.89 -15.25 14.74
CA SER B 306 -17.56 -14.06 13.96
C SER B 306 -16.38 -13.30 14.59
N ILE B 307 -15.53 -12.71 13.73
CA ILE B 307 -14.39 -11.93 14.18
C ILE B 307 -14.82 -10.75 15.13
N LYS B 308 -16.01 -10.21 14.87
CA LYS B 308 -16.56 -9.08 15.60
C LYS B 308 -16.85 -9.49 17.04
N ASP B 309 -17.35 -10.71 17.22
CA ASP B 309 -17.64 -11.24 18.56
C ASP B 309 -16.35 -11.63 19.25
N VAL B 310 -15.40 -12.15 18.48
CA VAL B 310 -14.09 -12.55 18.99
C VAL B 310 -13.36 -11.31 19.49
N HIS B 311 -13.42 -10.24 18.74
CA HIS B 311 -12.74 -9.01 19.12
C HIS B 311 -13.38 -8.39 20.35
N ALA B 312 -14.71 -8.34 20.38
CA ALA B 312 -15.47 -7.85 21.53
C ALA B 312 -15.02 -8.54 22.80
N ARG B 313 -14.97 -9.86 22.75
CA ARG B 313 -14.57 -10.66 23.87
C ARG B 313 -13.12 -10.37 24.34
N LEU B 314 -12.20 -10.33 23.39
CA LEU B 314 -10.78 -10.14 23.68
C LEU B 314 -10.49 -8.76 24.22
N GLN B 315 -11.25 -7.79 23.73
CA GLN B 315 -11.15 -6.39 24.18
C GLN B 315 -11.68 -6.29 25.62
N ALA B 316 -12.81 -6.94 25.89
CA ALA B 316 -13.39 -7.01 27.22
C ALA B 316 -12.41 -7.70 28.19
N LEU B 317 -11.82 -8.82 27.76
CA LEU B 317 -10.88 -9.53 28.58
C LEU B 317 -9.56 -8.82 28.73
N ALA B 318 -9.27 -7.84 27.87
CA ALA B 318 -7.94 -7.17 27.95
C ALA B 318 -8.00 -6.11 29.01
N GLN B 319 -9.16 -5.46 29.07
CA GLN B 319 -9.53 -4.50 30.09
C GLN B 319 -9.84 -5.19 31.45
N ALA B 320 -10.56 -6.31 31.42
CA ALA B 320 -11.02 -7.02 32.66
C ALA B 320 -10.67 -8.49 32.62
N PRO B 321 -9.38 -8.82 32.82
CA PRO B 321 -8.90 -10.20 32.60
C PRO B 321 -9.30 -11.20 33.65
N PRO B 322 -9.09 -12.51 33.37
CA PRO B 322 -9.28 -13.52 34.42
C PRO B 322 -8.02 -13.69 35.30
N VAL B 323 -6.93 -13.01 34.92
CA VAL B 323 -5.54 -13.12 35.50
C VAL B 323 -4.87 -14.53 35.74
N TYR B 324 -5.70 -15.59 35.92
CA TYR B 324 -5.25 -17.00 35.88
C TYR B 324 -6.44 -17.93 35.71
N ALA C 33 -11.53 20.67 -13.75
CA ALA C 33 -12.17 19.43 -14.32
C ALA C 33 -13.64 19.65 -14.69
N CYS C 34 -14.08 18.91 -15.71
CA CYS C 34 -15.42 19.02 -16.29
C CYS C 34 -16.47 18.30 -15.44
N VAL C 35 -16.17 17.06 -15.08
CA VAL C 35 -16.91 16.27 -14.10
C VAL C 35 -16.11 16.36 -12.78
N HIS C 36 -16.76 16.38 -11.61
CA HIS C 36 -15.99 16.48 -10.36
C HIS C 36 -15.23 15.18 -10.14
N HIS C 37 -13.94 15.34 -9.90
CA HIS C 37 -13.06 14.21 -9.63
C HIS C 37 -12.87 14.10 -8.12
N ILE C 38 -12.96 12.90 -7.60
CA ILE C 38 -12.71 12.71 -6.20
C ILE C 38 -11.42 11.91 -6.08
N LYS C 39 -10.46 12.54 -5.38
CA LYS C 39 -9.14 11.98 -5.17
C LYS C 39 -9.25 10.80 -4.22
N ARG C 40 -8.60 9.69 -4.56
CA ARG C 40 -8.55 8.51 -3.71
C ARG C 40 -8.05 8.82 -2.30
N ARG C 41 -7.11 9.73 -2.20
CA ARG C 41 -6.52 10.09 -0.91
C ARG C 41 -7.52 10.81 -0.01
N ASP C 42 -8.68 11.16 -0.55
CA ASP C 42 -9.73 11.85 0.22
C ASP C 42 -10.85 10.90 0.69
N ILE C 43 -10.76 9.64 0.30
CA ILE C 43 -11.71 8.63 0.65
C ILE C 43 -11.06 7.68 1.67
N VAL C 44 -11.76 7.40 2.78
CA VAL C 44 -11.41 6.26 3.63
C VAL C 44 -12.61 5.31 3.72
N LEU C 45 -12.41 4.09 3.26
CA LEU C 45 -13.44 3.07 3.30
C LEU C 45 -13.76 2.63 4.75
N LYS C 46 -15.06 2.53 5.09
CA LYS C 46 -15.47 2.10 6.44
C LYS C 46 -15.84 0.62 6.47
N TRP C 47 -16.87 0.27 5.70
CA TRP C 47 -17.37 -1.12 5.56
C TRP C 47 -18.22 -1.20 4.29
N GLU C 48 -18.43 -2.41 3.79
CA GLU C 48 -19.22 -2.66 2.62
C GLU C 48 -20.71 -2.48 2.89
N LEU C 49 -21.40 -1.71 2.06
CA LEU C 49 -22.86 -1.56 2.22
C LEU C 49 -23.60 -2.67 1.47
N GLY C 50 -23.13 -3.01 0.28
CA GLY C 50 -23.70 -4.11 -0.47
C GLY C 50 -22.90 -4.45 -1.72
N GLU C 51 -23.42 -5.44 -2.44
CA GLU C 51 -22.85 -5.97 -3.69
C GLU C 51 -23.83 -5.78 -4.85
N GLY C 52 -23.25 -5.65 -6.06
CA GLY C 52 -24.00 -5.61 -7.33
C GLY C 52 -23.27 -6.47 -8.35
N ALA C 53 -23.65 -6.36 -9.63
CA ALA C 53 -22.97 -7.09 -10.72
C ALA C 53 -21.70 -6.35 -11.11
N PHE C 54 -21.80 -5.01 -11.07
CA PHE C 54 -20.70 -4.08 -11.34
C PHE C 54 -19.49 -4.25 -10.42
N GLY C 55 -19.75 -4.67 -9.18
CA GLY C 55 -18.75 -4.69 -8.11
C GLY C 55 -19.37 -4.43 -6.75
N LYS C 56 -18.85 -3.46 -6.00
CA LYS C 56 -19.22 -3.29 -4.59
C LYS C 56 -19.53 -1.86 -4.21
N VAL C 57 -20.37 -1.70 -3.19
CA VAL C 57 -20.66 -0.37 -2.66
C VAL C 57 -20.18 -0.32 -1.23
N PHE C 58 -19.40 0.71 -0.88
CA PHE C 58 -18.89 0.86 0.49
C PHE C 58 -19.38 2.15 1.11
N LEU C 59 -19.49 2.15 2.44
CA LEU C 59 -19.61 3.41 3.18
C LEU C 59 -18.19 3.94 3.30
N ALA C 60 -18.01 5.23 3.05
CA ALA C 60 -16.69 5.86 3.21
C ALA C 60 -16.79 7.25 3.86
N GLU C 61 -15.71 7.72 4.50
CA GLU C 61 -15.61 9.16 4.82
C GLU C 61 -14.98 9.89 3.65
N CYS C 62 -15.40 11.12 3.40
CA CYS C 62 -14.83 11.92 2.32
C CYS C 62 -14.34 13.25 2.86
N HIS C 63 -13.05 13.53 2.65
CA HIS C 63 -12.46 14.75 3.17
C HIS C 63 -12.52 15.90 2.17
N ASN C 64 -13.01 17.06 2.66
CA ASN C 64 -13.29 18.29 1.87
C ASN C 64 -13.92 18.05 0.49
N LEU C 65 -15.22 17.77 0.52
CA LEU C 65 -16.02 17.56 -0.67
C LEU C 65 -17.02 18.73 -0.83
N LEU C 66 -17.61 19.13 0.29
CA LEU C 66 -18.54 20.26 0.35
C LEU C 66 -18.12 21.26 1.46
N PRO C 67 -18.34 22.58 1.23
CA PRO C 67 -17.96 23.58 2.24
C PRO C 67 -18.65 23.39 3.62
N GLN C 69 -18.07 21.69 6.51
CA GLN C 69 -17.12 20.86 7.25
C GLN C 69 -16.18 19.98 6.37
N ASP C 70 -15.08 19.54 6.99
CA ASP C 70 -14.07 18.68 6.36
C ASP C 70 -14.65 17.29 5.99
N LYS C 71 -14.92 16.45 7.01
CA LYS C 71 -15.38 15.06 6.78
C LYS C 71 -16.90 14.90 6.61
N MET C 72 -17.30 13.95 5.76
CA MET C 72 -18.72 13.59 5.60
C MET C 72 -18.86 12.18 5.05
N LEU C 73 -19.92 11.47 5.45
CA LEU C 73 -20.15 10.10 4.98
C LEU C 73 -20.76 10.06 3.57
N VAL C 74 -20.29 9.15 2.74
CA VAL C 74 -20.68 9.00 1.34
C VAL C 74 -20.72 7.52 0.98
N ALA C 75 -21.34 7.19 -0.14
CA ALA C 75 -21.33 5.82 -0.64
C ALA C 75 -20.42 5.74 -1.87
N VAL C 76 -19.63 4.67 -1.94
CA VAL C 76 -18.59 4.59 -2.97
C VAL C 76 -18.85 3.36 -3.79
N LYS C 77 -19.19 3.56 -5.04
CA LYS C 77 -19.41 2.43 -5.94
C LYS C 77 -18.06 2.10 -6.55
N ALA C 78 -17.55 0.91 -6.22
CA ALA C 78 -16.21 0.44 -6.63
C ALA C 78 -16.34 -0.67 -7.69
N LEU C 79 -15.81 -0.43 -8.88
CA LEU C 79 -16.06 -1.32 -10.01
C LEU C 79 -15.12 -2.54 -10.10
N LYS C 80 -15.71 -3.71 -10.26
CA LYS C 80 -14.97 -5.00 -10.38
C LYS C 80 -14.09 -5.11 -11.65
N GLU C 81 -14.73 -5.03 -12.81
CA GLU C 81 -14.04 -5.11 -14.11
C GLU C 81 -13.13 -3.90 -14.34
N ALA C 82 -11.93 -4.16 -14.87
CA ALA C 82 -10.95 -3.10 -15.19
C ALA C 82 -10.83 -2.93 -16.71
N SER C 83 -11.73 -3.60 -17.44
CA SER C 83 -11.85 -3.54 -18.90
C SER C 83 -11.88 -2.09 -19.42
N GLU C 84 -11.27 -1.85 -20.59
CA GLU C 84 -11.32 -0.50 -21.19
C GLU C 84 -12.73 -0.14 -21.67
N SER C 85 -13.48 -1.14 -22.14
CA SER C 85 -14.90 -0.93 -22.50
C SER C 85 -15.73 -0.55 -21.25
N ALA C 86 -15.53 -1.28 -20.15
CA ALA C 86 -16.18 -0.96 -18.88
C ALA C 86 -15.78 0.41 -18.36
N ARG C 87 -14.49 0.74 -18.48
CA ARG C 87 -13.95 2.02 -18.03
C ARG C 87 -14.57 3.18 -18.80
N GLN C 88 -14.94 2.92 -20.05
CA GLN C 88 -15.58 3.93 -20.86
C GLN C 88 -17.01 4.14 -20.33
N ASP C 89 -17.77 3.03 -20.23
CA ASP C 89 -19.17 3.08 -19.81
C ASP C 89 -19.34 3.81 -18.48
N PHE C 90 -18.43 3.51 -17.55
CA PHE C 90 -18.37 4.14 -16.24
C PHE C 90 -18.16 5.63 -16.44
N GLN C 91 -17.22 6.00 -17.31
CA GLN C 91 -17.00 7.42 -17.66
C GLN C 91 -18.27 8.03 -18.25
N ARG C 92 -18.89 7.32 -19.18
CA ARG C 92 -20.16 7.77 -19.77
C ARG C 92 -21.27 7.98 -18.73
N GLU C 93 -21.41 7.04 -17.80
CA GLU C 93 -22.41 7.12 -16.73
C GLU C 93 -22.20 8.38 -15.88
N ALA C 94 -20.93 8.70 -15.62
CA ALA C 94 -20.60 9.80 -14.72
C ALA C 94 -20.98 11.13 -15.35
N GLU C 95 -20.76 11.24 -16.66
CA GLU C 95 -21.01 12.50 -17.36
C GLU C 95 -22.50 12.69 -17.74
N LEU C 96 -23.32 11.71 -17.43
CA LEU C 96 -24.78 11.85 -17.43
C LEU C 96 -25.21 12.33 -16.01
N LEU C 97 -24.97 11.47 -15.02
CA LEU C 97 -25.33 11.75 -13.64
C LEU C 97 -24.88 13.10 -13.07
N THR C 98 -23.87 13.74 -13.67
CA THR C 98 -23.39 15.02 -13.12
C THR C 98 -24.35 16.13 -13.52
N MET C 99 -25.11 15.87 -14.57
CA MET C 99 -26.02 16.85 -15.09
C MET C 99 -27.40 16.69 -14.47
N LEU C 100 -27.67 15.48 -13.95
CA LEU C 100 -28.92 15.21 -13.23
C LEU C 100 -28.84 15.78 -11.81
N GLN C 101 -30.00 16.14 -11.28
CA GLN C 101 -30.11 16.63 -9.93
C GLN C 101 -31.58 16.87 -9.69
N HIS C 102 -32.05 16.30 -8.60
CA HIS C 102 -33.43 16.33 -8.20
C HIS C 102 -33.47 15.80 -6.78
N GLN C 103 -34.43 16.27 -5.98
CA GLN C 103 -34.60 15.79 -4.61
C GLN C 103 -34.82 14.29 -4.53
N HIS C 104 -35.34 13.68 -5.59
CA HIS C 104 -35.66 12.25 -5.53
C HIS C 104 -34.85 11.33 -6.46
N ILE C 105 -33.70 11.84 -6.86
CA ILE C 105 -32.67 11.03 -7.54
C ILE C 105 -31.45 11.02 -6.61
N VAL C 106 -30.80 9.86 -6.44
CA VAL C 106 -29.60 9.81 -5.56
C VAL C 106 -28.51 10.81 -6.01
N ARG C 107 -28.08 11.66 -5.09
CA ARG C 107 -27.05 12.68 -5.40
C ARG C 107 -25.68 12.06 -5.75
N PHE C 108 -25.20 12.37 -6.96
CA PHE C 108 -23.88 12.03 -7.46
C PHE C 108 -22.84 13.15 -7.12
N PHE C 109 -21.75 12.77 -6.46
CA PHE C 109 -20.72 13.73 -6.01
C PHE C 109 -19.50 13.84 -6.92
N GLY C 110 -19.09 12.71 -7.49
CA GLY C 110 -17.95 12.67 -8.39
C GLY C 110 -17.45 11.28 -8.70
N VAL C 111 -16.29 11.20 -9.33
CA VAL C 111 -15.74 9.97 -9.89
C VAL C 111 -14.20 10.02 -9.83
N CYS C 112 -13.58 8.86 -9.89
CA CYS C 112 -12.16 8.72 -10.25
C CYS C 112 -11.98 7.50 -11.12
N THR C 113 -11.55 7.71 -12.37
CA THR C 113 -11.34 6.60 -13.31
C THR C 113 -9.88 6.33 -13.63
N GLU C 114 -8.96 7.07 -13.01
CA GLU C 114 -7.54 6.76 -13.18
C GLU C 114 -7.00 6.01 -11.96
N GLY C 115 -7.14 4.70 -12.04
CA GLY C 115 -6.77 3.88 -10.92
C GLY C 115 -7.72 2.72 -10.84
N ARG C 116 -7.45 1.81 -9.92
CA ARG C 116 -8.31 0.66 -9.68
C ARG C 116 -8.55 0.56 -8.19
N PRO C 117 -9.80 0.21 -7.81
CA PRO C 117 -10.93 0.02 -8.75
C PRO C 117 -11.48 1.39 -9.22
N LEU C 118 -12.29 1.38 -10.28
CA LEU C 118 -12.95 2.62 -10.72
C LEU C 118 -13.91 3.04 -9.61
N LEU C 119 -13.90 4.32 -9.25
CA LEU C 119 -14.79 4.83 -8.19
C LEU C 119 -15.85 5.86 -8.64
N MET C 120 -17.06 5.70 -8.11
CA MET C 120 -18.10 6.71 -8.28
C MET C 120 -18.62 7.02 -6.91
N VAL C 121 -18.66 8.30 -6.54
CA VAL C 121 -19.17 8.61 -5.22
C VAL C 121 -20.54 9.26 -5.16
N PHE C 122 -21.39 8.73 -4.28
CA PHE C 122 -22.74 9.23 -4.10
C PHE C 122 -23.07 9.55 -2.63
N GLU C 123 -24.20 10.20 -2.41
CA GLU C 123 -24.67 10.44 -1.05
C GLU C 123 -25.03 9.13 -0.36
N TYR C 124 -24.80 9.09 0.95
CA TYR C 124 -25.07 7.89 1.73
C TYR C 124 -26.55 7.91 2.05
N MET C 125 -27.26 6.87 1.65
CA MET C 125 -28.66 6.61 2.06
C MET C 125 -28.67 5.45 3.09
N ARG C 126 -28.75 5.81 4.38
CA ARG C 126 -28.46 4.83 5.47
C ARG C 126 -29.34 3.61 5.57
N HIS C 127 -30.56 3.66 5.03
CA HIS C 127 -31.50 2.52 5.20
C HIS C 127 -31.46 1.55 4.04
N GLY C 128 -30.66 1.87 3.02
CA GLY C 128 -30.41 0.90 1.95
C GLY C 128 -31.52 0.84 0.94
N ASP C 129 -31.60 -0.25 0.20
CA ASP C 129 -32.55 -0.34 -0.89
C ASP C 129 -33.98 -0.49 -0.41
N LEU C 130 -34.92 0.10 -1.16
CA LEU C 130 -36.34 0.13 -0.83
C LEU C 130 -37.00 -1.24 -0.67
N ASN C 131 -36.61 -2.23 -1.48
CA ASN C 131 -37.20 -3.56 -1.37
C ASN C 131 -36.92 -4.21 -0.03
N ARG C 132 -35.65 -4.27 0.36
CA ARG C 132 -35.27 -4.86 1.63
C ARG C 132 -35.82 -4.06 2.80
N PHE C 133 -36.04 -2.75 2.60
CA PHE C 133 -36.62 -1.89 3.63
C PHE C 133 -38.10 -2.20 3.88
N LEU C 134 -38.82 -2.38 2.79
CA LEU C 134 -40.24 -2.68 2.81
C LEU C 134 -40.49 -4.00 3.51
N ARG C 135 -39.68 -5.01 3.16
CA ARG C 135 -39.74 -6.35 3.75
C ARG C 135 -39.43 -6.30 5.26
N SER C 136 -38.63 -5.31 5.65
CA SER C 136 -38.20 -5.16 7.02
C SER C 136 -39.18 -4.41 7.88
N HIS C 137 -39.98 -3.54 7.27
CA HIS C 137 -40.91 -2.73 8.06
C HIS C 137 -42.34 -3.10 7.72
N GLY C 138 -42.55 -4.39 7.46
CA GLY C 138 -43.87 -4.96 7.19
C GLY C 138 -44.29 -5.99 8.24
N PRO C 139 -45.44 -6.69 8.00
CA PRO C 139 -45.92 -7.76 8.91
C PRO C 139 -44.97 -9.00 9.08
N ASP C 140 -43.91 -9.09 8.27
CA ASP C 140 -42.93 -10.17 8.38
C ASP C 140 -41.52 -9.60 8.59
N GLY C 153 -43.53 -2.05 14.89
CA GLY C 153 -44.67 -1.73 14.02
C GLY C 153 -44.33 -1.57 12.54
N PRO C 154 -45.17 -2.17 11.63
CA PRO C 154 -45.00 -1.97 10.20
C PRO C 154 -45.30 -0.51 9.72
N LEU C 155 -45.33 -0.32 8.40
CA LEU C 155 -45.45 1.02 7.86
C LEU C 155 -46.91 1.38 7.70
N GLY C 156 -47.28 2.56 8.21
CA GLY C 156 -48.64 3.07 8.04
C GLY C 156 -49.04 3.36 6.60
N LEU C 157 -50.22 3.95 6.42
CA LEU C 157 -50.72 4.30 5.08
C LEU C 157 -50.12 5.61 4.62
N GLY C 158 -50.05 6.59 5.52
CA GLY C 158 -49.49 7.90 5.20
C GLY C 158 -48.02 7.79 4.89
N GLN C 159 -47.41 6.71 5.40
CA GLN C 159 -46.00 6.45 5.20
C GLN C 159 -45.81 5.80 3.84
N LEU C 160 -46.52 4.69 3.60
CA LEU C 160 -46.42 3.97 2.35
C LEU C 160 -46.76 4.88 1.15
N LEU C 161 -47.62 5.87 1.41
CA LEU C 161 -48.01 6.83 0.39
C LEU C 161 -46.88 7.80 0.10
N ALA C 162 -46.24 8.29 1.18
CA ALA C 162 -45.06 9.19 1.04
C ALA C 162 -43.91 8.51 0.27
N VAL C 163 -43.74 7.21 0.49
CA VAL C 163 -42.76 6.42 -0.22
C VAL C 163 -43.10 6.43 -1.71
N ALA C 164 -44.36 6.16 -2.04
CA ALA C 164 -44.76 6.05 -3.47
C ALA C 164 -44.75 7.41 -4.15
N SER C 165 -45.10 8.45 -3.40
CA SER C 165 -45.13 9.83 -3.87
C SER C 165 -43.73 10.21 -4.29
N GLN C 166 -42.78 9.91 -3.40
CA GLN C 166 -41.35 10.20 -3.59
C GLN C 166 -40.73 9.52 -4.81
N VAL C 167 -41.01 8.24 -5.02
CA VAL C 167 -40.54 7.56 -6.22
C VAL C 167 -41.12 8.26 -7.46
N ALA C 168 -42.43 8.54 -7.44
CA ALA C 168 -43.12 9.17 -8.57
C ALA C 168 -42.52 10.49 -8.91
N ALA C 169 -42.11 11.25 -7.90
CA ALA C 169 -41.52 12.55 -8.12
C ALA C 169 -40.25 12.39 -8.96
N GLY C 170 -39.47 11.37 -8.62
CA GLY C 170 -38.22 11.08 -9.29
C GLY C 170 -38.50 10.73 -10.71
N MET C 171 -39.54 9.94 -10.91
CA MET C 171 -39.95 9.53 -12.23
C MET C 171 -40.57 10.64 -13.09
N VAL C 172 -41.08 11.72 -12.47
CA VAL C 172 -41.63 12.83 -13.27
C VAL C 172 -40.46 13.54 -13.93
N TYR C 173 -39.43 13.76 -13.10
CA TYR C 173 -38.17 14.35 -13.54
C TYR C 173 -37.60 13.60 -14.76
N LEU C 174 -37.56 12.28 -14.66
CA LEU C 174 -37.07 11.43 -15.75
C LEU C 174 -37.91 11.52 -17.01
N ALA C 175 -39.23 11.55 -16.87
CA ALA C 175 -40.15 11.58 -18.04
C ALA C 175 -40.10 12.93 -18.70
N GLY C 176 -39.96 13.96 -17.87
CA GLY C 176 -39.78 15.34 -18.35
C GLY C 176 -38.51 15.53 -19.14
N LEU C 177 -37.52 14.67 -18.91
CA LEU C 177 -36.26 14.69 -19.66
C LEU C 177 -36.30 13.71 -20.81
N HIS C 178 -37.39 12.96 -20.94
CA HIS C 178 -37.55 11.96 -22.01
C HIS C 178 -36.51 10.87 -21.80
N PHE C 179 -36.19 10.66 -20.54
CA PHE C 179 -35.28 9.60 -20.14
C PHE C 179 -36.13 8.35 -19.82
N VAL C 180 -35.83 7.24 -20.50
CA VAL C 180 -36.50 5.98 -20.20
C VAL C 180 -35.64 5.16 -19.24
N HIS C 181 -36.18 4.80 -18.08
CA HIS C 181 -35.43 4.07 -17.07
C HIS C 181 -35.17 2.61 -17.45
N ARG C 182 -36.21 1.92 -17.92
CA ARG C 182 -36.15 0.50 -18.34
C ARG C 182 -36.07 -0.55 -17.20
N ASP C 183 -35.72 -0.14 -15.97
CA ASP C 183 -35.68 -1.08 -14.86
C ASP C 183 -36.10 -0.49 -13.50
N LEU C 184 -37.24 0.21 -13.48
CA LEU C 184 -37.77 0.71 -12.23
C LEU C 184 -38.36 -0.44 -11.38
N ALA C 185 -37.92 -0.50 -10.12
CA ALA C 185 -38.28 -1.54 -9.16
C ALA C 185 -37.79 -1.00 -7.85
N THR C 186 -38.35 -1.45 -6.75
CA THR C 186 -37.92 -0.99 -5.41
C THR C 186 -36.47 -1.36 -5.05
N ARG C 187 -35.96 -2.44 -5.65
CA ARG C 187 -34.56 -2.87 -5.45
C ARG C 187 -33.57 -1.80 -5.96
N ASN C 188 -34.06 -0.97 -6.89
CA ASN C 188 -33.32 0.15 -7.51
C ASN C 188 -33.67 1.52 -6.91
N CYS C 189 -34.35 1.55 -5.76
CA CYS C 189 -34.53 2.82 -5.00
C CYS C 189 -33.83 2.73 -3.65
N LEU C 190 -33.52 3.88 -3.06
CA LEU C 190 -32.84 3.90 -1.79
C LEU C 190 -33.61 4.73 -0.78
N VAL C 191 -33.37 4.44 0.51
CA VAL C 191 -34.08 5.07 1.62
C VAL C 191 -33.08 5.68 2.58
N GLY C 192 -33.25 6.95 2.88
CA GLY C 192 -32.40 7.64 3.83
C GLY C 192 -33.14 8.11 5.08
N GLN C 193 -32.41 8.75 5.99
CA GLN C 193 -32.97 9.29 7.22
C GLN C 193 -34.14 10.25 6.92
N GLY C 194 -35.21 10.15 7.71
CA GLY C 194 -36.40 10.98 7.53
C GLY C 194 -37.39 10.33 6.58
N LEU C 195 -37.20 9.02 6.36
CA LEU C 195 -37.91 8.26 5.35
C LEU C 195 -37.84 8.92 3.95
N VAL C 196 -36.72 9.62 3.67
CA VAL C 196 -36.42 10.14 2.33
C VAL C 196 -36.17 9.00 1.32
N VAL C 197 -36.90 8.98 0.22
CA VAL C 197 -36.65 7.96 -0.77
C VAL C 197 -36.36 8.52 -2.15
N LYS C 198 -35.36 7.93 -2.81
CA LYS C 198 -34.86 8.39 -4.11
C LYS C 198 -34.59 7.24 -5.07
N ILE C 199 -34.66 7.51 -6.37
CA ILE C 199 -34.18 6.54 -7.35
C ILE C 199 -32.67 6.36 -7.16
N GLY C 200 -32.20 5.12 -7.08
CA GLY C 200 -30.80 4.88 -6.76
C GLY C 200 -29.96 4.26 -7.84
N ASP C 201 -30.59 3.54 -8.76
CA ASP C 201 -29.87 2.85 -9.82
C ASP C 201 -30.55 3.08 -11.15
N PHE C 202 -29.79 2.97 -12.24
CA PHE C 202 -30.35 3.11 -13.59
C PHE C 202 -30.29 1.84 -14.48
N GLY C 203 -30.26 0.69 -13.81
CA GLY C 203 -30.19 -0.63 -14.47
C GLY C 203 -28.75 -1.02 -14.77
N MET C 204 -28.31 -0.69 -16.00
CA MET C 204 -26.95 -0.93 -16.55
C MET C 204 -26.46 -2.39 -16.54
N MET C 221 -30.64 -9.97 -20.33
CA MET C 221 -31.24 -9.96 -18.99
C MET C 221 -32.32 -8.87 -18.83
N LEU C 222 -33.55 -9.32 -18.61
CA LEU C 222 -34.73 -8.45 -18.63
C LEU C 222 -35.52 -8.56 -17.32
N PRO C 223 -35.97 -7.41 -16.76
CA PRO C 223 -36.80 -7.48 -15.55
C PRO C 223 -38.24 -7.74 -15.95
N ILE C 224 -38.44 -8.91 -16.56
CA ILE C 224 -39.68 -9.28 -17.23
C ILE C 224 -40.98 -9.06 -16.42
N ARG C 225 -40.94 -9.32 -15.12
CA ARG C 225 -42.13 -9.16 -14.28
C ARG C 225 -42.65 -7.73 -14.17
N TRP C 226 -41.74 -6.76 -14.24
CA TRP C 226 -42.09 -5.33 -14.13
C TRP C 226 -42.40 -4.76 -15.51
N MET C 227 -42.16 -5.54 -16.57
CA MET C 227 -42.37 -5.09 -17.95
C MET C 227 -43.81 -5.26 -18.42
N PRO C 228 -44.34 -4.26 -19.17
CA PRO C 228 -45.64 -4.34 -19.87
C PRO C 228 -45.59 -5.23 -21.14
N PRO C 229 -46.76 -5.57 -21.74
CA PRO C 229 -46.77 -6.50 -22.87
C PRO C 229 -45.99 -6.00 -24.07
N GLU C 230 -46.10 -4.69 -24.35
CA GLU C 230 -45.37 -4.10 -25.48
C GLU C 230 -43.84 -4.18 -25.37
N SER C 231 -43.32 -4.20 -24.15
CA SER C 231 -41.88 -4.29 -23.93
C SER C 231 -41.40 -5.73 -24.04
N ILE C 232 -42.24 -6.66 -23.61
CA ILE C 232 -41.95 -8.09 -23.77
C ILE C 232 -42.10 -8.53 -25.22
N LEU C 233 -43.31 -8.40 -25.76
CA LEU C 233 -43.63 -8.82 -27.12
C LEU C 233 -42.89 -8.00 -28.19
N TYR C 234 -43.31 -6.75 -28.36
CA TYR C 234 -42.79 -5.91 -29.45
C TYR C 234 -41.49 -5.16 -29.07
N ARG C 235 -40.95 -5.43 -27.88
CA ARG C 235 -39.65 -4.89 -27.42
C ARG C 235 -39.53 -3.34 -27.29
N LYS C 236 -40.67 -2.67 -27.13
CA LYS C 236 -40.76 -1.20 -27.09
C LYS C 236 -40.63 -0.65 -25.67
N PHE C 237 -39.60 0.16 -25.44
CA PHE C 237 -39.41 0.85 -24.15
C PHE C 237 -39.61 2.35 -24.33
N THR C 238 -40.55 2.89 -23.57
CA THR C 238 -40.95 4.28 -23.65
C THR C 238 -41.19 4.83 -22.26
N THR C 239 -41.66 6.06 -22.22
CA THR C 239 -41.99 6.66 -20.94
C THR C 239 -43.24 5.99 -20.32
N GLU C 240 -44.09 5.42 -21.18
CA GLU C 240 -45.32 4.72 -20.72
C GLU C 240 -45.09 3.27 -20.31
N SER C 241 -44.05 2.62 -20.83
CA SER C 241 -43.60 1.37 -20.22
C SER C 241 -43.01 1.60 -18.81
N ASP C 242 -42.47 2.79 -18.55
CA ASP C 242 -42.02 3.17 -17.21
C ASP C 242 -43.17 3.47 -16.26
N VAL C 243 -44.33 3.92 -16.76
CA VAL C 243 -45.44 4.13 -15.81
C VAL C 243 -46.05 2.80 -15.41
N TRP C 244 -46.06 1.85 -16.36
CA TRP C 244 -46.41 0.48 -16.08
C TRP C 244 -45.61 -0.04 -14.91
N SER C 245 -44.29 -0.08 -15.09
CA SER C 245 -43.37 -0.53 -14.05
C SER C 245 -43.61 0.21 -12.73
N PHE C 246 -43.87 1.52 -12.80
CA PHE C 246 -44.21 2.23 -11.57
C PHE C 246 -45.48 1.69 -10.87
N GLY C 247 -46.49 1.33 -11.67
CA GLY C 247 -47.67 0.62 -11.20
C GLY C 247 -47.27 -0.64 -10.44
N VAL C 248 -46.47 -1.50 -11.09
CA VAL C 248 -45.86 -2.66 -10.39
C VAL C 248 -45.01 -2.28 -9.16
N VAL C 249 -44.49 -1.05 -9.11
CA VAL C 249 -43.71 -0.57 -7.95
C VAL C 249 -44.67 -0.24 -6.83
N LEU C 250 -45.83 0.30 -7.21
CA LEU C 250 -46.88 0.65 -6.23
C LEU C 250 -47.38 -0.60 -5.55
N TRP C 251 -47.49 -1.66 -6.36
CA TRP C 251 -47.88 -2.96 -5.90
C TRP C 251 -46.83 -3.55 -4.96
N GLU C 252 -45.55 -3.31 -5.26
CA GLU C 252 -44.45 -3.73 -4.37
C GLU C 252 -44.56 -3.05 -3.02
N ILE C 253 -44.74 -1.74 -3.06
CA ILE C 253 -44.84 -0.94 -1.83
C ILE C 253 -45.98 -1.45 -0.95
N PHE C 254 -47.15 -1.67 -1.55
CA PHE C 254 -48.31 -2.06 -0.75
C PHE C 254 -48.32 -3.52 -0.32
N THR C 255 -47.55 -4.38 -1.00
CA THR C 255 -47.37 -5.77 -0.52
C THR C 255 -46.16 -5.91 0.43
N TYR C 256 -45.59 -4.78 0.86
CA TYR C 256 -44.32 -4.76 1.64
C TYR C 256 -43.18 -5.58 0.98
N GLY C 257 -42.93 -5.32 -0.29
CA GLY C 257 -41.78 -5.88 -0.98
C GLY C 257 -41.92 -7.27 -1.57
N LYS C 258 -43.14 -7.75 -1.69
CA LYS C 258 -43.35 -9.06 -2.28
C LYS C 258 -42.99 -9.00 -3.78
N GLN C 259 -42.31 -10.05 -4.26
CA GLN C 259 -42.04 -10.20 -5.69
C GLN C 259 -43.37 -10.31 -6.46
N PRO C 260 -43.51 -9.54 -7.57
CA PRO C 260 -44.73 -9.68 -8.40
C PRO C 260 -44.78 -11.05 -9.10
N TRP C 261 -45.91 -11.74 -8.93
CA TRP C 261 -46.13 -13.11 -9.43
C TRP C 261 -45.14 -14.12 -8.83
N TYR C 262 -45.01 -14.10 -7.50
CA TYR C 262 -43.98 -14.90 -6.82
C TYR C 262 -44.12 -16.42 -6.97
N GLN C 263 -45.35 -16.92 -6.93
CA GLN C 263 -45.62 -18.35 -7.14
C GLN C 263 -45.21 -18.80 -8.56
N LEU C 264 -45.33 -17.89 -9.52
CA LEU C 264 -45.04 -18.16 -10.93
C LEU C 264 -43.55 -18.08 -11.22
N SER C 265 -43.13 -18.80 -12.25
CA SER C 265 -41.76 -18.74 -12.76
C SER C 265 -41.71 -17.78 -13.96
N ASN C 266 -40.51 -17.49 -14.44
CA ASN C 266 -40.30 -16.55 -15.55
C ASN C 266 -41.04 -16.94 -16.83
N THR C 267 -41.13 -18.24 -17.08
CA THR C 267 -41.76 -18.81 -18.28
C THR C 267 -43.26 -18.56 -18.28
N GLU C 268 -43.86 -18.54 -17.08
CA GLU C 268 -45.31 -18.41 -16.95
C GLU C 268 -45.75 -17.00 -16.58
N ALA C 269 -44.85 -16.23 -15.98
CA ALA C 269 -45.12 -14.83 -15.67
C ALA C 269 -45.32 -14.08 -16.99
N ILE C 270 -44.41 -14.41 -17.90
CA ILE C 270 -44.37 -13.85 -19.23
C ILE C 270 -45.67 -14.15 -19.99
N ASP C 271 -46.25 -15.32 -19.75
CA ASP C 271 -47.54 -15.71 -20.37
C ASP C 271 -48.68 -14.94 -19.72
N CYS C 272 -48.64 -14.88 -18.40
CA CYS C 272 -49.62 -14.20 -17.56
C CYS C 272 -49.83 -12.74 -17.98
N ILE C 273 -48.73 -11.98 -18.09
CA ILE C 273 -48.78 -10.54 -18.45
C ILE C 273 -49.17 -10.37 -19.92
N THR C 274 -48.62 -11.23 -20.75
CA THR C 274 -48.89 -11.25 -22.19
C THR C 274 -50.39 -11.44 -22.53
N GLN C 275 -51.15 -12.12 -21.67
CA GLN C 275 -52.59 -12.33 -21.91
C GLN C 275 -53.53 -11.34 -21.17
N GLY C 276 -52.96 -10.50 -20.33
CA GLY C 276 -53.71 -9.39 -19.76
C GLY C 276 -54.19 -9.61 -18.35
N ARG C 277 -53.61 -10.60 -17.68
CA ARG C 277 -53.92 -10.88 -16.28
C ARG C 277 -53.22 -9.84 -15.40
N GLU C 278 -54.00 -9.04 -14.68
CA GLU C 278 -53.50 -7.99 -13.79
C GLU C 278 -53.12 -8.54 -12.42
N LEU C 279 -52.30 -7.79 -11.67
CA LEU C 279 -51.93 -8.15 -10.29
C LEU C 279 -53.06 -7.90 -9.30
N GLU C 280 -53.17 -8.78 -8.30
CA GLU C 280 -54.22 -8.72 -7.28
C GLU C 280 -54.01 -7.55 -6.31
N ARG C 281 -55.10 -7.00 -5.80
CA ARG C 281 -55.02 -5.86 -4.90
C ARG C 281 -54.45 -6.29 -3.56
N PRO C 282 -53.46 -5.54 -3.06
CA PRO C 282 -52.85 -5.83 -1.76
C PRO C 282 -53.79 -5.51 -0.60
N ARG C 283 -53.66 -6.25 0.50
CA ARG C 283 -54.43 -6.04 1.73
C ARG C 283 -54.35 -4.62 2.23
N ALA C 284 -53.13 -4.08 2.35
CA ALA C 284 -52.95 -2.76 2.97
C ALA C 284 -53.36 -1.62 2.05
N CYS C 285 -53.89 -1.98 0.88
CA CYS C 285 -54.09 -1.04 -0.22
C CYS C 285 -55.55 -0.60 -0.39
N PRO C 286 -55.85 0.68 -0.10
CA PRO C 286 -57.17 1.24 -0.43
C PRO C 286 -57.46 1.13 -1.92
N PRO C 287 -58.75 1.05 -2.31
CA PRO C 287 -59.08 0.90 -3.73
C PRO C 287 -58.89 2.15 -4.58
N GLU C 288 -58.88 3.33 -3.98
CA GLU C 288 -58.51 4.54 -4.71
C GLU C 288 -57.06 4.45 -5.19
N VAL C 289 -56.19 3.93 -4.30
CA VAL C 289 -54.78 3.65 -4.59
C VAL C 289 -54.63 2.60 -5.70
N TYR C 290 -55.35 1.48 -5.56
CA TYR C 290 -55.31 0.40 -6.54
C TYR C 290 -55.79 0.86 -7.91
N ALA C 291 -56.59 1.95 -7.94
CA ALA C 291 -57.02 2.59 -9.17
C ALA C 291 -55.83 3.17 -9.92
N ILE C 292 -54.95 3.84 -9.14
CA ILE C 292 -53.72 4.43 -9.67
C ILE C 292 -52.89 3.34 -10.32
N MET C 293 -52.71 2.20 -9.63
CA MET C 293 -52.03 1.04 -10.20
C MET C 293 -52.69 0.59 -11.51
N ARG C 294 -54.01 0.64 -11.52
CA ARG C 294 -54.77 0.13 -12.66
C ARG C 294 -54.63 1.03 -13.86
N GLY C 295 -54.70 2.35 -13.64
CA GLY C 295 -54.38 3.36 -14.67
C GLY C 295 -53.01 3.18 -15.34
N CYS C 296 -52.06 2.62 -14.59
CA CYS C 296 -50.72 2.34 -15.09
C CYS C 296 -50.70 1.05 -15.92
N TRP C 297 -51.72 0.22 -15.75
CA TRP C 297 -51.68 -1.12 -16.37
C TRP C 297 -52.54 -1.31 -17.63
N GLN C 298 -52.98 -0.22 -18.26
CA GLN C 298 -53.72 -0.36 -19.54
C GLN C 298 -52.95 -1.12 -20.62
N ARG C 299 -53.64 -1.96 -21.38
CA ARG C 299 -53.01 -2.74 -22.43
C ARG C 299 -52.33 -1.83 -23.45
N GLU C 300 -53.00 -0.74 -23.79
CA GLU C 300 -52.52 0.19 -24.80
C GLU C 300 -51.78 1.34 -24.11
N PRO C 301 -50.51 1.57 -24.51
CA PRO C 301 -49.66 2.58 -23.89
C PRO C 301 -50.30 3.97 -23.86
N GLN C 302 -50.96 4.35 -24.96
CA GLN C 302 -51.58 5.68 -25.09
C GLN C 302 -52.68 5.97 -24.04
N GLN C 303 -53.26 4.89 -23.54
CA GLN C 303 -54.33 4.95 -22.53
C GLN C 303 -53.81 5.17 -21.11
N ARG C 304 -52.57 4.73 -20.85
CA ARG C 304 -51.99 4.81 -19.51
C ARG C 304 -51.88 6.22 -18.95
N HIS C 305 -51.92 6.33 -17.64
CA HIS C 305 -51.84 7.63 -16.98
C HIS C 305 -50.43 8.26 -17.11
N SER C 306 -50.36 9.58 -16.98
CA SER C 306 -49.12 10.34 -17.06
C SER C 306 -48.52 10.30 -15.67
N ILE C 307 -47.19 10.13 -15.56
CA ILE C 307 -46.57 10.04 -14.22
C ILE C 307 -46.79 11.33 -13.43
N LYS C 308 -46.91 12.45 -14.15
CA LYS C 308 -47.22 13.73 -13.54
C LYS C 308 -48.58 13.65 -12.78
N ASP C 309 -49.58 13.03 -13.43
CA ASP C 309 -50.94 12.87 -12.89
C ASP C 309 -50.93 11.87 -11.75
N VAL C 310 -50.39 10.68 -12.04
CA VAL C 310 -50.11 9.63 -11.03
C VAL C 310 -49.49 10.25 -9.76
N HIS C 311 -48.57 11.16 -9.94
CA HIS C 311 -47.88 11.78 -8.82
C HIS C 311 -48.76 12.78 -8.11
N ALA C 312 -49.53 13.52 -8.90
CA ALA C 312 -50.47 14.51 -8.35
C ALA C 312 -51.50 13.83 -7.43
N ARG C 313 -52.06 12.70 -7.90
CA ARG C 313 -53.01 11.88 -7.14
C ARG C 313 -52.39 11.39 -5.82
N LEU C 314 -51.17 10.85 -5.91
CA LEU C 314 -50.47 10.28 -4.75
C LEU C 314 -50.10 11.36 -3.75
N GLN C 315 -49.81 12.55 -4.26
CA GLN C 315 -49.45 13.67 -3.39
C GLN C 315 -50.72 14.15 -2.69
N ALA C 316 -51.85 14.00 -3.39
CA ALA C 316 -53.15 14.36 -2.85
C ALA C 316 -53.51 13.41 -1.71
N LEU C 317 -53.56 12.10 -2.02
CA LEU C 317 -53.87 11.05 -1.03
C LEU C 317 -52.92 11.06 0.15
N ALA C 318 -51.71 11.60 -0.02
CA ALA C 318 -50.73 11.65 1.06
C ALA C 318 -51.15 12.65 2.14
N GLN C 319 -51.87 13.70 1.71
CA GLN C 319 -52.38 14.73 2.63
C GLN C 319 -53.66 14.30 3.34
N ALA C 320 -54.56 13.65 2.59
CA ALA C 320 -55.83 13.18 3.12
C ALA C 320 -55.94 11.65 3.00
N PRO C 321 -55.26 10.90 3.89
CA PRO C 321 -55.26 9.43 3.79
C PRO C 321 -56.59 8.76 4.20
N PRO C 322 -57.11 7.84 3.36
CA PRO C 322 -58.35 7.11 3.69
C PRO C 322 -58.20 6.14 4.88
#